data_9O0X
#
_entry.id   9O0X
#
_cell.length_a   79.049
_cell.length_b   153.457
_cell.length_c   137.277
_cell.angle_alpha   90.00
_cell.angle_beta   90.00
_cell.angle_gamma   90.00
#
_symmetry.space_group_name_H-M   'C 2 2 21'
#
loop_
_entity.id
_entity.type
_entity.pdbx_description
1 polymer 'Three-prime repair exonuclease 1'
2 non-polymer '5-({N-[(2,3-dichlorophenyl)methyl]-3,5-difluorobenzamido}methyl)-3-(methylamino)pyridine-2-carboxylic acid'
3 non-polymer 'MAGNESIUM ION'
4 non-polymer 1,2-ETHANEDIOL
5 non-polymer 'UNKNOWN ATOM OR ION'
6 water water
#
_entity_poly.entity_id   1
_entity_poly.type   'polypeptide(L)'
_entity_poly.pdbx_seq_one_letter_code
;ALPHGHMQTLIFFDMEATGLPSSRPEVTELCLLAVHRCALESPPTSQGPPPTVPPPPRVVDKLSLCVAPGKACSPAASEI
TGLSTAVLAAHGRQCFDDNLANLLLAFLRRQPQPWCLVAHNGDRYDFPLLQAELAMLGLTSALDGAFCVDSITALKALER
ASSPSEHGPRKSYSLGSIYTRLYGQSPPDSHTAEGDVLALLSICQWRPQALLRWVDAHARPFGTIRPMYGVTAS
;
_entity_poly.pdbx_strand_id   A,B,C
#
loop_
_chem_comp.id
_chem_comp.type
_chem_comp.name
_chem_comp.formula
A1B7U non-polymer '5-({N-[(2,3-dichlorophenyl)methyl]-3,5-difluorobenzamido}methyl)-3-(methylamino)pyridine-2-carboxylic acid' 'C22 H17 Cl2 F2 N3 O3'
EDO non-polymer 1,2-ETHANEDIOL 'C2 H6 O2'
MG non-polymer 'MAGNESIUM ION' 'Mg 2'
UNX non-polymer 'UNKNOWN ATOM OR ION' ?
#
# COMPACT_ATOMS: atom_id res chain seq x y z
N PRO A 3 6.78 -14.16 -11.39
CA PRO A 3 7.25 -12.92 -10.78
C PRO A 3 6.65 -12.70 -9.39
N HIS A 4 6.88 -13.67 -8.51
CA HIS A 4 6.36 -13.59 -7.15
C HIS A 4 7.28 -12.70 -6.31
N GLY A 5 6.68 -12.03 -5.34
CA GLY A 5 7.48 -11.28 -4.40
C GLY A 5 7.88 -12.14 -3.20
N HIS A 6 8.22 -11.45 -2.13
CA HIS A 6 8.59 -12.01 -0.84
C HIS A 6 7.37 -12.71 -0.25
N MET A 7 7.58 -13.90 0.33
CA MET A 7 6.52 -14.61 1.03
C MET A 7 6.10 -13.78 2.25
N GLN A 8 4.78 -13.53 2.41
CA GLN A 8 4.27 -12.76 3.53
C GLN A 8 3.95 -13.65 4.73
N THR A 9 3.49 -14.87 4.47
CA THR A 9 3.19 -15.82 5.54
C THR A 9 3.94 -17.13 5.28
N LEU A 10 4.61 -17.64 6.32
CA LEU A 10 5.15 -18.98 6.33
C LEU A 10 4.19 -19.85 7.15
N ILE A 11 3.62 -20.86 6.49
CA ILE A 11 2.72 -21.79 7.14
C ILE A 11 3.48 -23.09 7.42
N PHE A 12 3.97 -23.23 8.66
CA PHE A 12 4.64 -24.44 9.09
C PHE A 12 3.60 -25.54 9.16
N PHE A 13 3.92 -26.66 8.51
CA PHE A 13 2.88 -27.63 8.15
C PHE A 13 3.41 -29.03 8.39
N ASP A 14 2.60 -29.86 9.06
CA ASP A 14 2.94 -31.26 9.24
C ASP A 14 1.66 -32.07 9.28
N MET A 15 1.72 -33.24 8.64
CA MET A 15 0.63 -34.19 8.70
C MET A 15 1.09 -35.53 9.22
N GLU A 16 0.15 -36.25 9.86
N GLU A 16 0.13 -36.27 9.77
CA GLU A 16 0.27 -37.68 10.12
CA GLU A 16 0.32 -37.68 10.06
C GLU A 16 -0.57 -38.42 9.09
C GLU A 16 -0.65 -38.48 9.19
N ALA A 17 -0.22 -39.69 8.85
CA ALA A 17 -0.97 -40.51 7.91
C ALA A 17 -0.97 -41.97 8.37
N THR A 18 -1.74 -42.79 7.62
CA THR A 18 -1.98 -44.18 7.91
C THR A 18 -0.73 -45.04 7.67
N GLY A 19 0.23 -44.49 6.93
CA GLY A 19 1.45 -45.19 6.60
C GLY A 19 2.31 -44.36 5.66
N LEU A 20 3.37 -44.98 5.15
CA LEU A 20 4.31 -44.32 4.26
C LEU A 20 3.79 -44.32 2.82
N PRO A 21 4.35 -43.50 1.92
CA PRO A 21 3.78 -43.33 0.57
C PRO A 21 3.45 -44.59 -0.24
N SER A 22 4.30 -45.62 -0.17
CA SER A 22 4.09 -46.84 -0.94
C SER A 22 2.86 -47.62 -0.48
N SER A 23 2.20 -47.20 0.61
CA SER A 23 1.03 -47.88 1.11
C SER A 23 -0.28 -47.22 0.64
N ARG A 24 -0.18 -46.18 -0.21
CA ARG A 24 -1.33 -45.33 -0.56
C ARG A 24 -2.01 -44.80 0.71
N PRO A 25 -1.31 -43.98 1.51
CA PRO A 25 -1.82 -43.54 2.80
C PRO A 25 -2.87 -42.45 2.71
N GLU A 26 -3.56 -42.27 3.85
CA GLU A 26 -4.55 -41.23 4.04
C GLU A 26 -4.17 -40.42 5.26
N VAL A 27 -4.58 -39.15 5.25
CA VAL A 27 -4.30 -38.25 6.35
C VAL A 27 -5.07 -38.68 7.59
N THR A 28 -4.38 -38.62 8.74
CA THR A 28 -5.01 -38.82 10.05
C THR A 28 -4.93 -37.57 10.92
N GLU A 29 -3.95 -36.68 10.68
CA GLU A 29 -3.85 -35.45 11.48
C GLU A 29 -3.13 -34.40 10.64
N LEU A 30 -3.51 -33.13 10.84
CA LEU A 30 -2.80 -32.06 10.20
C LEU A 30 -2.66 -30.90 11.16
N CYS A 31 -1.57 -30.16 11.00
CA CYS A 31 -1.34 -28.95 11.75
C CYS A 31 -0.73 -27.91 10.81
N LEU A 32 -1.35 -26.73 10.80
CA LEU A 32 -0.88 -25.53 10.13
C LEU A 32 -0.60 -24.48 11.20
N LEU A 33 0.59 -23.90 11.17
CA LEU A 33 0.99 -22.82 12.08
C LEU A 33 1.47 -21.67 11.22
N ALA A 34 0.63 -20.64 11.05
CA ALA A 34 0.89 -19.54 10.15
C ALA A 34 1.60 -18.44 10.91
N VAL A 35 2.79 -18.06 10.42
CA VAL A 35 3.61 -17.02 10.98
C VAL A 35 3.86 -15.95 9.92
N HIS A 36 3.64 -14.70 10.31
CA HIS A 36 3.91 -13.58 9.43
C HIS A 36 5.42 -13.43 9.31
N ARG A 37 5.89 -13.01 8.13
CA ARG A 37 7.33 -12.92 7.90
C ARG A 37 8.01 -12.02 8.92
N CYS A 38 7.29 -11.01 9.45
CA CYS A 38 7.91 -10.06 10.37
C CYS A 38 8.41 -10.74 11.64
N ALA A 39 7.82 -11.89 12.01
CA ALA A 39 8.25 -12.61 13.18
C ALA A 39 9.64 -13.21 13.01
N LEU A 40 10.05 -13.45 11.76
CA LEU A 40 11.38 -14.00 11.44
C LEU A 40 12.35 -12.91 11.00
N GLU A 41 11.82 -11.90 10.32
CA GLU A 41 12.62 -10.84 9.75
C GLU A 41 13.02 -9.85 10.83
N SER A 42 12.08 -9.59 11.76
CA SER A 42 12.24 -8.58 12.81
C SER A 42 11.91 -9.20 14.16
N PRO A 43 12.68 -10.24 14.61
CA PRO A 43 12.37 -10.97 15.85
C PRO A 43 12.53 -10.15 17.14
N THR A 52 17.54 -20.39 26.00
CA THR A 52 18.20 -21.39 25.11
C THR A 52 17.40 -21.56 23.83
N VAL A 53 16.11 -21.90 23.95
CA VAL A 53 15.26 -22.07 22.78
C VAL A 53 14.37 -20.83 22.68
N PRO A 54 14.25 -20.22 21.48
CA PRO A 54 13.39 -19.06 21.31
C PRO A 54 11.93 -19.45 21.59
N PRO A 55 11.13 -18.56 22.22
CA PRO A 55 9.69 -18.79 22.34
C PRO A 55 9.04 -18.58 20.98
N PRO A 56 7.88 -19.20 20.72
CA PRO A 56 7.13 -18.90 19.51
C PRO A 56 6.73 -17.44 19.52
N PRO A 57 6.46 -16.84 18.36
CA PRO A 57 5.89 -15.49 18.30
C PRO A 57 4.57 -15.44 19.06
N ARG A 58 4.29 -14.29 19.67
CA ARG A 58 3.03 -14.07 20.37
C ARG A 58 1.86 -14.18 19.41
N VAL A 59 2.04 -13.61 18.20
CA VAL A 59 0.97 -13.54 17.22
C VAL A 59 1.20 -14.64 16.18
N VAL A 60 0.39 -15.68 16.25
CA VAL A 60 0.39 -16.75 15.26
C VAL A 60 -1.04 -17.22 15.09
N ASP A 61 -1.30 -17.90 13.98
CA ASP A 61 -2.57 -18.60 13.78
C ASP A 61 -2.25 -20.09 13.72
N LYS A 62 -3.11 -20.91 14.32
CA LYS A 62 -2.84 -22.34 14.39
C LYS A 62 -4.14 -23.10 14.13
N LEU A 63 -4.01 -24.18 13.36
CA LEU A 63 -5.10 -25.12 13.15
C LEU A 63 -4.53 -26.53 13.27
N SER A 64 -5.10 -27.30 14.20
CA SER A 64 -4.71 -28.69 14.39
C SER A 64 -5.98 -29.53 14.38
N LEU A 65 -6.05 -30.50 13.46
CA LEU A 65 -7.25 -31.28 13.24
C LEU A 65 -6.86 -32.74 13.06
N CYS A 66 -7.64 -33.63 13.66
CA CYS A 66 -7.58 -35.07 13.37
C CYS A 66 -8.62 -35.41 12.32
N VAL A 67 -8.33 -36.45 11.54
CA VAL A 67 -9.11 -36.79 10.36
C VAL A 67 -9.30 -38.31 10.35
N ALA A 68 -10.53 -38.75 10.06
CA ALA A 68 -10.80 -40.17 9.97
C ALA A 68 -10.38 -40.65 8.58
N PRO A 69 -9.39 -41.55 8.46
CA PRO A 69 -8.99 -42.08 7.17
C PRO A 69 -9.98 -43.18 6.81
N GLY A 70 -10.02 -43.52 5.55
CA GLY A 70 -11.00 -44.50 5.09
C GLY A 70 -10.49 -45.94 5.25
N LYS A 71 -9.39 -46.14 5.98
CA LYS A 71 -8.76 -47.43 6.14
C LYS A 71 -7.92 -47.43 7.42
N ALA A 72 -7.49 -48.64 7.83
CA ALA A 72 -6.69 -48.81 9.03
C ALA A 72 -5.30 -48.19 8.86
N CYS A 73 -4.79 -47.64 9.95
CA CYS A 73 -3.37 -47.32 10.06
C CYS A 73 -2.56 -48.61 10.22
N SER A 74 -1.34 -48.62 9.69
CA SER A 74 -0.44 -49.73 9.94
C SER A 74 0.02 -49.69 11.39
N PRO A 75 0.30 -50.86 12.00
CA PRO A 75 0.91 -50.89 13.33
C PRO A 75 2.10 -49.96 13.52
N ALA A 76 2.98 -49.87 12.50
CA ALA A 76 4.11 -48.97 12.57
C ALA A 76 3.64 -47.52 12.64
N ALA A 77 2.68 -47.15 11.78
CA ALA A 77 2.14 -45.80 11.76
C ALA A 77 1.55 -45.48 13.12
N SER A 78 0.78 -46.41 13.69
CA SER A 78 0.15 -46.17 14.98
C SER A 78 1.18 -45.99 16.09
N GLU A 79 2.28 -46.76 16.04
CA GLU A 79 3.31 -46.66 17.08
C GLU A 79 3.98 -45.28 17.08
N ILE A 80 4.25 -44.74 15.88
CA ILE A 80 5.03 -43.53 15.73
C ILE A 80 4.12 -42.30 15.86
N THR A 81 2.85 -42.39 15.41
CA THR A 81 1.95 -41.24 15.44
C THR A 81 1.07 -41.20 16.69
N GLY A 82 0.89 -42.34 17.37
CA GLY A 82 -0.03 -42.43 18.50
C GLY A 82 -1.51 -42.39 18.11
N LEU A 83 -1.82 -42.55 16.81
CA LEU A 83 -3.17 -42.55 16.28
C LEU A 83 -3.51 -43.91 15.71
N SER A 84 -4.80 -44.22 15.74
CA SER A 84 -5.33 -45.37 15.03
C SER A 84 -6.70 -45.01 14.48
N THR A 85 -7.11 -45.75 13.44
CA THR A 85 -8.39 -45.44 12.81
C THR A 85 -9.54 -45.63 13.81
N ALA A 86 -9.49 -46.70 14.60
CA ALA A 86 -10.54 -46.99 15.56
C ALA A 86 -10.64 -45.88 16.62
N VAL A 87 -9.50 -45.35 17.09
CA VAL A 87 -9.52 -44.31 18.11
C VAL A 87 -10.05 -43.01 17.50
N LEU A 88 -9.61 -42.66 16.28
CA LEU A 88 -10.14 -41.50 15.61
C LEU A 88 -11.67 -41.60 15.51
N ALA A 89 -12.20 -42.78 15.19
CA ALA A 89 -13.63 -42.99 15.06
C ALA A 89 -14.34 -42.84 16.41
N ALA A 90 -13.72 -43.32 17.49
CA ALA A 90 -14.29 -43.18 18.84
C ALA A 90 -14.41 -41.71 19.24
N HIS A 91 -13.55 -40.87 18.65
CA HIS A 91 -13.56 -39.44 18.92
C HIS A 91 -14.38 -38.67 17.88
N GLY A 92 -15.15 -39.39 17.06
CA GLY A 92 -16.13 -38.81 16.17
C GLY A 92 -15.50 -38.06 14.99
N ARG A 93 -14.28 -38.40 14.62
CA ARG A 93 -13.61 -37.68 13.55
C ARG A 93 -14.27 -37.98 12.20
N GLN A 94 -14.33 -36.91 11.37
CA GLN A 94 -14.84 -36.91 10.04
C GLN A 94 -13.71 -37.08 9.02
N CYS A 95 -14.09 -37.54 7.83
CA CYS A 95 -13.11 -37.81 6.77
C CYS A 95 -12.62 -36.50 6.14
N PHE A 96 -11.67 -36.64 5.22
CA PHE A 96 -11.14 -35.53 4.45
C PHE A 96 -12.12 -35.20 3.31
N ASP A 97 -13.00 -34.23 3.58
CA ASP A 97 -14.14 -33.96 2.73
C ASP A 97 -14.16 -32.49 2.32
N ASP A 98 -15.20 -32.10 1.58
CA ASP A 98 -15.34 -30.74 1.06
C ASP A 98 -15.29 -29.71 2.19
N ASN A 99 -15.96 -30.00 3.33
CA ASN A 99 -15.99 -29.05 4.45
C ASN A 99 -14.58 -28.83 4.96
N LEU A 100 -13.78 -29.90 5.03
CA LEU A 100 -12.40 -29.78 5.48
C LEU A 100 -11.61 -28.92 4.52
N ALA A 101 -11.72 -29.19 3.22
CA ALA A 101 -11.00 -28.39 2.23
C ALA A 101 -11.40 -26.93 2.35
N ASN A 102 -12.69 -26.66 2.53
CA ASN A 102 -13.16 -25.28 2.70
C ASN A 102 -12.55 -24.64 3.94
N LEU A 103 -12.49 -25.40 5.05
N LEU A 103 -12.48 -25.41 5.03
CA LEU A 103 -11.97 -24.89 6.32
CA LEU A 103 -11.99 -24.95 6.31
C LEU A 103 -10.50 -24.50 6.10
C LEU A 103 -10.52 -24.54 6.15
N LEU A 104 -9.74 -25.38 5.44
CA LEU A 104 -8.31 -25.13 5.21
C LEU A 104 -8.15 -23.83 4.42
N LEU A 105 -8.98 -23.65 3.39
CA LEU A 105 -8.88 -22.48 2.53
C LEU A 105 -9.26 -21.21 3.29
N ALA A 106 -10.29 -21.31 4.14
CA ALA A 106 -10.73 -20.16 4.94
C ALA A 106 -9.65 -19.76 5.93
N PHE A 107 -8.96 -20.75 6.48
CA PHE A 107 -7.86 -20.46 7.37
C PHE A 107 -6.72 -19.78 6.59
N LEU A 108 -6.39 -20.29 5.41
CA LEU A 108 -5.31 -19.71 4.64
C LEU A 108 -5.66 -18.30 4.20
N ARG A 109 -6.94 -18.05 3.90
CA ARG A 109 -7.38 -16.74 3.45
C ARG A 109 -7.26 -15.67 4.54
N ARG A 110 -7.14 -16.07 5.80
CA ARG A 110 -6.88 -15.12 6.87
C ARG A 110 -5.42 -14.68 6.93
N GLN A 111 -4.58 -15.25 6.07
CA GLN A 111 -3.15 -14.94 6.09
C GLN A 111 -2.81 -14.13 4.85
N PRO A 112 -1.92 -13.11 4.96
CA PRO A 112 -1.49 -12.33 3.79
C PRO A 112 -0.72 -13.18 2.78
N GLN A 113 -0.99 -12.93 1.49
CA GLN A 113 -0.33 -13.65 0.41
C GLN A 113 0.90 -12.86 -0.06
N PRO A 114 1.90 -13.50 -0.66
CA PRO A 114 1.95 -14.97 -0.87
C PRO A 114 2.15 -15.84 0.38
N TRP A 115 1.51 -17.01 0.35
CA TRP A 115 1.62 -18.07 1.34
C TRP A 115 2.73 -19.05 0.95
N CYS A 116 3.55 -19.46 1.93
CA CYS A 116 4.49 -20.56 1.71
C CYS A 116 4.34 -21.64 2.78
N LEU A 117 3.88 -22.83 2.36
CA LEU A 117 3.91 -24.02 3.22
C LEU A 117 5.36 -24.45 3.44
N VAL A 118 5.69 -24.76 4.68
CA VAL A 118 7.01 -25.21 5.05
C VAL A 118 6.85 -26.51 5.85
N ALA A 119 7.38 -27.60 5.30
CA ALA A 119 7.20 -28.91 5.88
C ALA A 119 8.50 -29.71 5.80
N HIS A 120 8.81 -30.43 6.86
CA HIS A 120 10.03 -31.21 6.94
C HIS A 120 9.87 -32.54 6.20
N ASN A 121 10.69 -32.75 5.18
CA ASN A 121 10.48 -33.81 4.20
C ASN A 121 9.11 -33.67 3.54
N GLY A 122 8.68 -32.40 3.33
CA GLY A 122 7.42 -32.09 2.67
C GLY A 122 7.32 -32.64 1.25
N ASP A 123 8.43 -32.67 0.52
CA ASP A 123 8.39 -33.16 -0.85
C ASP A 123 8.05 -34.64 -0.89
N ARG A 124 8.47 -35.39 0.12
CA ARG A 124 8.26 -36.83 0.16
C ARG A 124 6.88 -37.15 0.74
N TYR A 125 6.47 -36.40 1.77
CA TYR A 125 5.33 -36.77 2.59
C TYR A 125 4.19 -35.77 2.44
N ASP A 126 4.31 -34.60 3.07
CA ASP A 126 3.15 -33.74 3.31
C ASP A 126 2.59 -33.15 2.03
N PHE A 127 3.44 -32.66 1.12
CA PHE A 127 2.92 -31.97 -0.05
C PHE A 127 2.19 -32.94 -0.99
N PRO A 128 2.80 -34.07 -1.41
CA PRO A 128 2.10 -34.96 -2.34
C PRO A 128 0.83 -35.58 -1.75
N LEU A 129 0.83 -35.84 -0.44
CA LEU A 129 -0.36 -36.42 0.17
C LEU A 129 -1.48 -35.36 0.20
N LEU A 130 -1.15 -34.11 0.54
CA LEU A 130 -2.17 -33.06 0.53
C LEU A 130 -2.77 -32.94 -0.88
N GLN A 131 -1.91 -32.91 -1.91
CA GLN A 131 -2.39 -32.83 -3.28
C GLN A 131 -3.25 -34.03 -3.65
N ALA A 132 -2.91 -35.24 -3.17
CA ALA A 132 -3.72 -36.42 -3.45
C ALA A 132 -5.10 -36.31 -2.81
N GLU A 133 -5.18 -35.85 -1.55
CA GLU A 133 -6.45 -35.73 -0.85
C GLU A 133 -7.35 -34.74 -1.59
N LEU A 134 -6.78 -33.61 -2.00
CA LEU A 134 -7.54 -32.59 -2.70
C LEU A 134 -8.01 -33.11 -4.06
N ALA A 135 -7.15 -33.88 -4.74
CA ALA A 135 -7.48 -34.45 -6.05
C ALA A 135 -8.67 -35.42 -5.96
N MET A 136 -8.75 -36.19 -4.86
N MET A 136 -8.75 -36.18 -4.86
CA MET A 136 -9.84 -37.13 -4.66
CA MET A 136 -9.84 -37.14 -4.68
C MET A 136 -11.17 -36.40 -4.54
C MET A 136 -11.17 -36.41 -4.50
N LEU A 137 -11.13 -35.12 -4.14
CA LEU A 137 -12.36 -34.32 -4.00
C LEU A 137 -12.63 -33.53 -5.28
N GLY A 138 -11.72 -33.62 -6.27
CA GLY A 138 -11.88 -32.87 -7.50
C GLY A 138 -11.51 -31.40 -7.32
N LEU A 139 -10.62 -31.12 -6.36
CA LEU A 139 -10.19 -29.77 -6.07
C LEU A 139 -8.71 -29.64 -6.44
N THR A 140 -8.40 -29.94 -7.70
CA THR A 140 -7.01 -30.18 -8.08
C THR A 140 -6.23 -28.86 -8.16
N SER A 141 -6.92 -27.71 -8.13
CA SER A 141 -6.26 -26.42 -8.27
C SER A 141 -6.47 -25.52 -7.03
N ALA A 142 -7.01 -26.08 -5.94
CA ALA A 142 -7.44 -25.29 -4.79
C ALA A 142 -6.28 -24.49 -4.19
N LEU A 143 -5.06 -25.06 -4.18
CA LEU A 143 -3.88 -24.39 -3.62
C LEU A 143 -2.88 -23.97 -4.70
N ASP A 144 -3.35 -23.74 -5.92
CA ASP A 144 -2.47 -23.32 -7.01
C ASP A 144 -1.71 -22.02 -6.68
N GLY A 145 -2.31 -21.12 -5.88
CA GLY A 145 -1.68 -19.84 -5.58
C GLY A 145 -0.62 -19.92 -4.47
N ALA A 146 -0.61 -21.01 -3.69
CA ALA A 146 0.35 -21.17 -2.61
C ALA A 146 1.70 -21.58 -3.17
N PHE A 147 2.71 -21.39 -2.34
CA PHE A 147 4.07 -21.85 -2.61
C PHE A 147 4.45 -22.87 -1.53
N CYS A 148 5.56 -23.57 -1.72
CA CYS A 148 6.01 -24.51 -0.73
C CYS A 148 7.53 -24.67 -0.74
N VAL A 149 8.06 -25.02 0.43
N VAL A 149 8.06 -25.07 0.42
CA VAL A 149 9.46 -25.35 0.59
CA VAL A 149 9.48 -25.29 0.66
C VAL A 149 9.53 -26.57 1.51
C VAL A 149 9.61 -26.50 1.60
N ASP A 150 10.50 -27.43 1.23
CA ASP A 150 10.86 -28.54 2.07
C ASP A 150 11.97 -28.06 3.00
N SER A 151 11.71 -28.07 4.32
CA SER A 151 12.66 -27.57 5.29
C SER A 151 13.92 -28.45 5.41
N ILE A 152 13.86 -29.72 5.06
CA ILE A 152 15.09 -30.49 5.09
C ILE A 152 16.05 -29.97 4.00
N THR A 153 15.51 -29.61 2.83
CA THR A 153 16.32 -29.06 1.74
C THR A 153 16.92 -27.71 2.17
N ALA A 154 16.10 -26.88 2.83
CA ALA A 154 16.51 -25.57 3.28
C ALA A 154 17.61 -25.65 4.34
N LEU A 155 17.39 -26.51 5.34
CA LEU A 155 18.26 -26.57 6.50
C LEU A 155 19.59 -27.23 6.12
N LYS A 156 19.54 -28.18 5.18
CA LYS A 156 20.77 -28.76 4.65
C LYS A 156 21.59 -27.65 3.98
N ALA A 157 20.95 -26.91 3.07
CA ALA A 157 21.62 -25.86 2.30
C ALA A 157 22.25 -24.83 3.24
N LEU A 158 21.52 -24.48 4.30
CA LEU A 158 21.94 -23.47 5.25
C LEU A 158 23.06 -23.97 6.15
N GLU A 159 22.94 -25.21 6.66
CA GLU A 159 23.97 -25.80 7.52
C GLU A 159 25.26 -25.87 6.71
N ARG A 160 25.12 -26.21 5.43
CA ARG A 160 26.21 -26.10 4.47
C ARG A 160 26.30 -24.65 3.98
N LYS A 171 25.41 -36.88 8.56
CA LYS A 171 24.69 -36.79 9.85
C LYS A 171 23.18 -36.83 9.60
N SER A 172 22.41 -36.92 10.69
CA SER A 172 20.95 -37.01 10.63
C SER A 172 20.33 -35.63 10.48
N TYR A 173 19.31 -35.53 9.62
CA TYR A 173 18.60 -34.28 9.38
C TYR A 173 17.13 -34.44 9.76
N SER A 174 16.85 -35.34 10.70
CA SER A 174 15.56 -35.40 11.36
C SER A 174 15.35 -34.15 12.22
N LEU A 175 14.09 -33.83 12.50
CA LEU A 175 13.73 -32.69 13.34
C LEU A 175 14.45 -32.78 14.69
N GLY A 176 14.37 -33.96 15.32
CA GLY A 176 14.95 -34.19 16.64
C GLY A 176 16.46 -33.98 16.63
N SER A 177 17.12 -34.49 15.59
CA SER A 177 18.57 -34.42 15.50
C SER A 177 19.03 -32.98 15.28
N ILE A 178 18.35 -32.25 14.39
CA ILE A 178 18.65 -30.85 14.16
C ILE A 178 18.44 -30.08 15.46
N TYR A 179 17.26 -30.25 16.07
CA TYR A 179 16.87 -29.47 17.23
C TYR A 179 17.93 -29.67 18.32
N THR A 180 18.33 -30.91 18.53
CA THR A 180 19.26 -31.23 19.61
C THR A 180 20.62 -30.61 19.32
N ARG A 181 21.05 -30.63 18.06
CA ARG A 181 22.31 -30.02 17.65
C ARG A 181 22.30 -28.50 17.88
N LEU A 182 21.13 -27.88 17.74
CA LEU A 182 21.02 -26.43 17.80
C LEU A 182 20.84 -25.97 19.24
N TYR A 183 20.14 -26.76 20.07
CA TYR A 183 19.62 -26.23 21.32
C TYR A 183 20.21 -26.95 22.53
N GLY A 184 20.21 -28.29 22.53
CA GLY A 184 20.88 -29.04 23.59
C GLY A 184 19.97 -30.12 24.17
N GLN A 185 18.77 -29.74 24.60
CA GLN A 185 17.77 -30.69 25.05
C GLN A 185 17.21 -31.42 23.83
N SER A 186 16.20 -32.28 24.05
CA SER A 186 15.41 -32.82 22.96
C SER A 186 14.17 -31.95 22.80
N PRO A 187 13.51 -31.96 21.62
CA PRO A 187 12.23 -31.26 21.46
C PRO A 187 11.13 -31.89 22.32
N PRO A 188 10.08 -31.14 22.66
CA PRO A 188 8.87 -31.72 23.27
C PRO A 188 7.92 -32.33 22.25
N ASP A 189 7.23 -33.42 22.65
CA ASP A 189 6.14 -34.02 21.88
C ASP A 189 6.53 -34.21 20.42
N SER A 190 7.44 -35.16 20.18
CA SER A 190 7.91 -35.49 18.85
C SER A 190 6.88 -36.32 18.10
N HIS A 191 5.79 -36.72 18.79
CA HIS A 191 4.90 -37.74 18.24
C HIS A 191 3.54 -37.17 17.82
N THR A 192 3.41 -35.85 17.63
CA THR A 192 2.17 -35.27 17.11
C THR A 192 2.49 -34.26 15.99
N ALA A 193 1.49 -34.01 15.12
CA ALA A 193 1.69 -33.05 14.04
C ALA A 193 2.01 -31.68 14.61
N GLU A 194 1.29 -31.27 15.68
CA GLU A 194 1.53 -29.98 16.30
C GLU A 194 2.93 -29.92 16.90
N GLY A 195 3.35 -30.99 17.57
CA GLY A 195 4.68 -31.08 18.18
C GLY A 195 5.78 -30.89 17.14
N ASP A 196 5.55 -31.48 15.96
CA ASP A 196 6.50 -31.43 14.86
C ASP A 196 6.60 -30.00 14.31
N VAL A 197 5.45 -29.36 14.08
CA VAL A 197 5.43 -28.00 13.57
C VAL A 197 6.13 -27.07 14.55
N LEU A 198 5.87 -27.24 15.85
CA LEU A 198 6.45 -26.34 16.86
C LEU A 198 7.96 -26.50 16.92
N ALA A 199 8.45 -27.75 16.78
CA ALA A 199 9.89 -27.99 16.76
C ALA A 199 10.51 -27.37 15.51
N LEU A 200 9.85 -27.55 14.35
CA LEU A 200 10.29 -26.94 13.11
C LEU A 200 10.38 -25.43 13.23
N LEU A 201 9.35 -24.79 13.83
CA LEU A 201 9.38 -23.36 14.03
C LEU A 201 10.61 -22.95 14.84
N SER A 202 10.86 -23.64 15.95
CA SER A 202 12.01 -23.37 16.81
C SER A 202 13.30 -23.46 16.02
N ILE A 203 13.43 -24.47 15.15
CA ILE A 203 14.64 -24.60 14.34
C ILE A 203 14.74 -23.39 13.41
N CYS A 204 13.61 -23.00 12.82
CA CYS A 204 13.58 -21.94 11.84
C CYS A 204 13.88 -20.57 12.50
N GLN A 205 13.78 -20.50 13.83
CA GLN A 205 14.00 -19.26 14.55
C GLN A 205 15.47 -19.12 14.97
N TRP A 206 16.28 -20.16 14.72
CA TRP A 206 17.69 -20.14 15.08
C TRP A 206 18.42 -19.01 14.36
N ARG A 207 18.41 -19.09 13.02
CA ARG A 207 18.92 -18.02 12.16
C ARG A 207 17.80 -17.59 11.22
N PRO A 208 16.83 -16.78 11.71
CA PRO A 208 15.57 -16.62 10.99
C PRO A 208 15.67 -15.78 9.72
N GLN A 209 16.57 -14.80 9.73
N GLN A 209 16.57 -14.79 9.72
CA GLN A 209 16.76 -13.93 8.58
CA GLN A 209 16.74 -13.93 8.56
C GLN A 209 17.28 -14.76 7.40
C GLN A 209 17.27 -14.76 7.39
N ALA A 210 18.25 -15.63 7.67
CA ALA A 210 18.85 -16.49 6.64
C ALA A 210 17.83 -17.51 6.12
N LEU A 211 17.05 -18.06 7.05
CA LEU A 211 16.02 -19.03 6.70
C LEU A 211 15.02 -18.36 5.77
N LEU A 212 14.58 -17.15 6.16
CA LEU A 212 13.58 -16.44 5.40
C LEU A 212 14.11 -16.08 4.02
N ARG A 213 15.37 -15.63 3.96
CA ARG A 213 16.01 -15.35 2.67
C ARG A 213 15.97 -16.58 1.76
N TRP A 214 16.27 -17.75 2.32
CA TRP A 214 16.36 -18.98 1.53
C TRP A 214 14.97 -19.33 0.97
N VAL A 215 13.94 -19.21 1.81
CA VAL A 215 12.59 -19.50 1.39
C VAL A 215 12.17 -18.60 0.23
N ASP A 216 12.44 -17.29 0.32
CA ASP A 216 12.03 -16.35 -0.71
C ASP A 216 12.68 -16.71 -2.04
N ALA A 217 13.95 -17.15 -1.96
CA ALA A 217 14.74 -17.48 -3.13
C ALA A 217 14.31 -18.81 -3.78
N HIS A 218 13.69 -19.71 -3.02
CA HIS A 218 13.53 -21.09 -3.48
C HIS A 218 12.09 -21.59 -3.47
N ALA A 219 11.14 -20.76 -3.02
CA ALA A 219 9.75 -21.16 -2.91
C ALA A 219 9.25 -21.64 -4.27
N ARG A 220 8.54 -22.77 -4.27
CA ARG A 220 8.00 -23.35 -5.49
C ARG A 220 6.47 -23.28 -5.49
N PRO A 221 5.83 -23.05 -6.64
CA PRO A 221 4.38 -23.11 -6.73
C PRO A 221 3.90 -24.50 -6.30
N PHE A 222 2.85 -24.49 -5.48
CA PHE A 222 2.29 -25.72 -4.94
C PHE A 222 1.71 -26.57 -6.07
N GLY A 223 1.23 -25.89 -7.13
CA GLY A 223 0.67 -26.54 -8.31
C GLY A 223 1.65 -27.49 -9.02
N THR A 224 2.97 -27.32 -8.82
CA THR A 224 3.96 -28.19 -9.44
C THR A 224 4.14 -29.50 -8.66
N ILE A 225 3.53 -29.61 -7.47
CA ILE A 225 3.61 -30.84 -6.69
C ILE A 225 2.61 -31.86 -7.26
N ARG A 226 3.12 -33.01 -7.70
CA ARG A 226 2.27 -34.08 -8.20
C ARG A 226 1.60 -34.76 -7.02
N PRO A 227 0.32 -35.15 -7.15
CA PRO A 227 -0.34 -36.00 -6.16
C PRO A 227 0.43 -37.30 -5.94
N MET A 228 0.46 -37.73 -4.68
CA MET A 228 1.15 -38.93 -4.26
C MET A 228 0.63 -40.14 -5.04
N TYR A 229 -0.67 -40.13 -5.33
CA TYR A 229 -1.31 -41.19 -6.09
C TYR A 229 -2.57 -40.65 -6.72
N GLY A 230 -3.12 -41.42 -7.68
CA GLY A 230 -4.39 -41.09 -8.31
C GLY A 230 -4.27 -39.89 -9.22
N LEU B 2 14.93 18.69 -29.90
CA LEU B 2 13.54 18.34 -29.52
C LEU B 2 13.15 16.97 -30.06
N PRO B 3 13.93 15.90 -29.77
CA PRO B 3 13.68 14.60 -30.39
C PRO B 3 12.22 14.16 -30.35
N HIS B 4 11.50 14.57 -29.28
CA HIS B 4 10.14 14.13 -29.02
C HIS B 4 9.19 15.30 -28.79
N GLY B 5 9.48 16.46 -29.42
CA GLY B 5 8.70 17.67 -29.23
C GLY B 5 8.80 18.19 -27.79
N HIS B 6 8.07 19.27 -27.46
CA HIS B 6 8.15 19.85 -26.13
C HIS B 6 7.40 18.95 -25.16
N MET B 7 7.95 18.79 -23.97
CA MET B 7 7.24 18.14 -22.87
C MET B 7 6.12 19.06 -22.38
N GLN B 8 4.91 18.52 -22.21
CA GLN B 8 3.76 19.34 -21.86
C GLN B 8 3.54 19.35 -20.35
N THR B 9 3.83 18.23 -19.69
CA THR B 9 3.71 18.16 -18.25
C THR B 9 5.03 17.66 -17.69
N LEU B 10 5.54 18.38 -16.68
CA LEU B 10 6.62 17.89 -15.84
C LEU B 10 6.01 17.31 -14.58
N ILE B 11 6.31 16.02 -14.33
CA ILE B 11 5.83 15.38 -13.13
C ILE B 11 7.03 15.18 -12.21
N PHE B 12 7.17 16.10 -11.26
CA PHE B 12 8.15 15.97 -10.20
C PHE B 12 7.81 14.74 -9.40
N PHE B 13 8.82 13.91 -9.13
CA PHE B 13 8.61 12.55 -8.68
C PHE B 13 9.69 12.17 -7.68
N ASP B 14 9.25 11.56 -6.58
CA ASP B 14 10.17 11.06 -5.56
C ASP B 14 9.51 9.89 -4.86
N MET B 15 10.31 8.85 -4.61
CA MET B 15 9.85 7.71 -3.83
C MET B 15 10.80 7.44 -2.65
N GLU B 16 10.23 6.84 -1.59
N GLU B 16 10.26 6.78 -1.63
CA GLU B 16 10.99 6.26 -0.50
CA GLU B 16 11.08 6.25 -0.58
C GLU B 16 10.97 4.75 -0.67
C GLU B 16 10.95 4.74 -0.63
N ALA B 17 11.98 4.05 -0.16
CA ALA B 17 12.03 2.62 -0.26
C ALA B 17 12.56 1.99 1.04
N THR B 18 12.57 0.64 1.03
CA THR B 18 12.98 -0.16 2.17
C THR B 18 14.49 -0.11 2.35
N GLY B 19 15.20 0.37 1.33
CA GLY B 19 16.64 0.35 1.33
C GLY B 19 17.24 0.82 0.01
N LEU B 20 18.57 0.69 -0.10
CA LEU B 20 19.31 1.15 -1.25
C LEU B 20 19.30 0.03 -2.30
N PRO B 21 19.62 0.36 -3.57
CA PRO B 21 19.45 -0.62 -4.64
C PRO B 21 20.03 -2.02 -4.45
N SER B 22 21.24 -2.13 -3.87
CA SER B 22 21.92 -3.40 -3.70
C SER B 22 21.08 -4.36 -2.85
N SER B 23 20.15 -3.80 -2.04
CA SER B 23 19.29 -4.59 -1.15
C SER B 23 18.03 -5.15 -1.83
N ARG B 24 17.82 -4.88 -3.12
CA ARG B 24 16.61 -5.25 -3.83
C ARG B 24 15.40 -4.64 -3.13
N PRO B 25 15.31 -3.29 -3.05
CA PRO B 25 14.31 -2.62 -2.22
C PRO B 25 12.92 -2.65 -2.84
N GLU B 26 11.96 -2.27 -2.03
CA GLU B 26 10.60 -2.08 -2.46
C GLU B 26 10.12 -0.68 -2.02
N VAL B 27 9.13 -0.16 -2.75
CA VAL B 27 8.58 1.17 -2.52
C VAL B 27 7.80 1.19 -1.20
N THR B 28 8.01 2.25 -0.41
CA THR B 28 7.24 2.54 0.80
C THR B 28 6.39 3.81 0.66
N GLU B 29 6.80 4.73 -0.21
CA GLU B 29 6.07 5.98 -0.38
C GLU B 29 6.37 6.53 -1.76
N LEU B 30 5.41 7.24 -2.33
CA LEU B 30 5.61 7.91 -3.60
C LEU B 30 4.86 9.24 -3.61
N CYS B 31 5.41 10.19 -4.36
CA CYS B 31 4.78 11.48 -4.60
C CYS B 31 5.01 11.89 -6.05
N LEU B 32 3.90 12.20 -6.72
CA LEU B 32 3.90 12.79 -8.05
C LEU B 32 3.30 14.19 -7.94
N LEU B 33 4.00 15.17 -8.50
N LEU B 33 4.00 15.18 -8.48
CA LEU B 33 3.50 16.51 -8.56
CA LEU B 33 3.48 16.54 -8.53
C LEU B 33 3.58 16.97 -10.00
C LEU B 33 3.57 17.01 -9.97
N ALA B 34 2.41 17.02 -10.66
CA ALA B 34 2.34 17.35 -12.07
C ALA B 34 2.11 18.84 -12.26
N VAL B 35 2.99 19.42 -13.09
CA VAL B 35 2.97 20.84 -13.39
C VAL B 35 2.94 21.00 -14.90
N HIS B 36 2.01 21.84 -15.39
CA HIS B 36 1.95 22.12 -16.83
C HIS B 36 3.16 22.98 -17.18
N ARG B 37 3.69 22.78 -18.38
CA ARG B 37 4.87 23.52 -18.77
C ARG B 37 4.64 25.02 -18.66
N CYS B 38 3.39 25.47 -18.87
N CYS B 38 3.39 25.48 -18.88
CA CYS B 38 3.09 26.89 -18.86
CA CYS B 38 3.11 26.90 -18.86
C CYS B 38 3.44 27.52 -17.51
C CYS B 38 3.45 27.52 -17.50
N ALA B 39 3.34 26.73 -16.43
CA ALA B 39 3.67 27.20 -15.10
C ALA B 39 5.17 27.45 -14.94
N LEU B 40 5.97 26.98 -15.89
CA LEU B 40 7.42 27.12 -15.80
C LEU B 40 7.97 27.99 -16.93
N GLU B 41 7.10 28.43 -17.85
CA GLU B 41 7.56 29.27 -18.94
C GLU B 41 7.77 30.70 -18.45
N SER B 42 8.83 31.36 -18.95
CA SER B 42 9.04 32.79 -18.79
C SER B 42 7.81 33.53 -19.29
N PRO B 43 7.29 34.57 -18.57
CA PRO B 43 6.07 35.25 -19.01
C PRO B 43 6.24 36.02 -20.33
N VAL B 53 12.38 32.45 -2.15
CA VAL B 53 11.87 31.09 -2.56
C VAL B 53 10.55 31.30 -3.31
N PRO B 54 10.45 30.88 -4.60
CA PRO B 54 9.21 31.01 -5.37
C PRO B 54 8.08 30.18 -4.75
N PRO B 55 6.83 30.69 -4.75
CA PRO B 55 5.70 29.86 -4.34
C PRO B 55 5.40 28.79 -5.39
N PRO B 56 4.80 27.64 -5.01
CA PRO B 56 4.36 26.67 -6.01
C PRO B 56 3.31 27.31 -6.91
N PRO B 57 3.12 26.85 -8.16
CA PRO B 57 2.00 27.32 -8.96
C PRO B 57 0.68 27.05 -8.26
N ARG B 58 -0.30 27.92 -8.50
CA ARG B 58 -1.65 27.71 -7.97
C ARG B 58 -2.23 26.40 -8.50
N VAL B 59 -2.03 26.13 -9.80
CA VAL B 59 -2.65 24.98 -10.46
C VAL B 59 -1.62 23.86 -10.58
N VAL B 60 -1.77 22.82 -9.74
CA VAL B 60 -0.91 21.66 -9.80
C VAL B 60 -1.80 20.46 -9.48
N ASP B 61 -1.37 19.27 -9.88
CA ASP B 61 -1.96 18.02 -9.43
C ASP B 61 -0.95 17.29 -8.58
N LYS B 62 -1.41 16.71 -7.47
CA LYS B 62 -0.49 16.03 -6.57
C LYS B 62 -1.11 14.72 -6.09
N LEU B 63 -0.28 13.68 -6.07
CA LEU B 63 -0.63 12.37 -5.50
C LEU B 63 0.49 11.94 -4.57
N SER B 64 0.17 11.68 -3.30
N SER B 64 0.15 11.70 -3.30
CA SER B 64 1.16 11.17 -2.36
CA SER B 64 1.10 11.23 -2.29
C SER B 64 0.56 9.99 -1.62
C SER B 64 0.52 9.97 -1.64
N LEU B 65 1.24 8.85 -1.76
CA LEU B 65 0.72 7.58 -1.27
C LEU B 65 1.80 6.84 -0.51
N CYS B 66 1.41 6.18 0.59
CA CYS B 66 2.26 5.22 1.26
C CYS B 66 1.90 3.82 0.78
N VAL B 67 2.90 2.95 0.80
CA VAL B 67 2.78 1.61 0.22
C VAL B 67 3.37 0.59 1.18
N ALA B 68 2.66 -0.52 1.42
CA ALA B 68 3.19 -1.57 2.27
C ALA B 68 4.18 -2.38 1.45
N PRO B 69 5.48 -2.38 1.78
CA PRO B 69 6.44 -3.21 1.05
C PRO B 69 6.32 -4.65 1.51
N GLY B 70 6.84 -5.58 0.72
CA GLY B 70 6.75 -6.99 1.07
C GLY B 70 7.87 -7.46 2.00
N LYS B 71 8.65 -6.51 2.56
CA LYS B 71 9.80 -6.85 3.39
C LYS B 71 10.08 -5.69 4.33
N ALA B 72 10.89 -5.94 5.36
CA ALA B 72 11.25 -4.93 6.34
C ALA B 72 12.13 -3.86 5.70
N CYS B 73 11.97 -2.63 6.17
CA CYS B 73 12.90 -1.55 5.91
C CYS B 73 14.14 -1.78 6.77
N SER B 74 15.31 -1.43 6.23
CA SER B 74 16.50 -1.43 7.04
C SER B 74 16.41 -0.34 8.09
N PRO B 75 17.09 -0.51 9.26
CA PRO B 75 17.17 0.57 10.24
C PRO B 75 17.58 1.92 9.64
N ALA B 76 18.52 1.90 8.69
CA ALA B 76 18.98 3.12 8.08
C ALA B 76 17.86 3.76 7.25
N ALA B 77 17.13 2.95 6.48
CA ALA B 77 16.01 3.46 5.70
C ALA B 77 14.97 4.08 6.63
N SER B 78 14.65 3.39 7.74
CA SER B 78 13.64 3.90 8.64
C SER B 78 14.06 5.23 9.25
N GLU B 79 15.35 5.36 9.60
N GLU B 79 15.34 5.36 9.60
CA GLU B 79 15.84 6.59 10.22
CA GLU B 79 15.83 6.58 10.22
C GLU B 79 15.73 7.77 9.27
C GLU B 79 15.70 7.76 9.27
N ILE B 80 16.12 7.60 8.01
CA ILE B 80 16.14 8.70 7.06
C ILE B 80 14.75 9.01 6.48
N THR B 81 13.90 7.98 6.30
CA THR B 81 12.60 8.18 5.66
C THR B 81 11.50 8.41 6.72
N GLY B 82 11.72 7.97 7.96
CA GLY B 82 10.67 8.03 8.97
C GLY B 82 9.55 7.01 8.80
N LEU B 83 9.77 5.99 7.93
CA LEU B 83 8.80 4.93 7.67
C LEU B 83 9.35 3.58 8.11
N SER B 84 8.45 2.68 8.50
CA SER B 84 8.83 1.28 8.74
C SER B 84 7.69 0.41 8.25
N THR B 85 8.03 -0.85 7.90
CA THR B 85 7.03 -1.77 7.40
C THR B 85 5.93 -1.98 8.44
N ALA B 86 6.30 -2.13 9.69
CA ALA B 86 5.32 -2.35 10.74
C ALA B 86 4.38 -1.14 10.89
N VAL B 87 4.91 0.10 10.83
CA VAL B 87 4.06 1.29 10.94
C VAL B 87 3.13 1.41 9.73
N LEU B 88 3.63 1.16 8.53
CA LEU B 88 2.81 1.20 7.34
C LEU B 88 1.66 0.20 7.45
N ALA B 89 1.95 -1.00 7.98
CA ALA B 89 0.91 -2.00 8.24
C ALA B 89 -0.13 -1.51 9.25
N ALA B 90 0.32 -0.82 10.32
CA ALA B 90 -0.60 -0.35 11.35
C ALA B 90 -1.56 0.69 10.78
N HIS B 91 -1.12 1.38 9.73
CA HIS B 91 -1.93 2.36 9.03
C HIS B 91 -2.73 1.75 7.90
N GLY B 92 -2.77 0.41 7.85
CA GLY B 92 -3.55 -0.32 6.85
C GLY B 92 -3.11 -0.12 5.40
N ARG B 93 -1.81 0.11 5.15
CA ARG B 93 -1.36 0.35 3.79
C ARG B 93 -1.38 -0.95 3.00
N GLN B 94 -1.69 -0.83 1.70
CA GLN B 94 -1.73 -1.95 0.78
C GLN B 94 -0.48 -1.97 -0.06
N CYS B 95 -0.20 -3.14 -0.64
CA CYS B 95 1.03 -3.35 -1.41
C CYS B 95 0.96 -2.67 -2.77
N PHE B 96 2.06 -2.77 -3.51
CA PHE B 96 2.17 -2.25 -4.85
C PHE B 96 1.51 -3.25 -5.82
N ASP B 97 0.22 -3.04 -6.09
CA ASP B 97 -0.60 -4.02 -6.78
C ASP B 97 -1.18 -3.40 -8.06
N ASP B 98 -1.98 -4.21 -8.76
CA ASP B 98 -2.70 -3.76 -9.96
C ASP B 98 -3.46 -2.45 -9.74
N ASN B 99 -4.20 -2.33 -8.63
CA ASN B 99 -5.02 -1.16 -8.36
C ASN B 99 -4.10 0.06 -8.30
N LEU B 100 -2.92 -0.08 -7.65
CA LEU B 100 -2.00 1.03 -7.53
C LEU B 100 -1.51 1.46 -8.92
N ALA B 101 -1.12 0.49 -9.74
CA ALA B 101 -0.62 0.82 -11.07
C ALA B 101 -1.71 1.52 -11.88
N ASN B 102 -2.95 1.06 -11.73
CA ASN B 102 -4.07 1.69 -12.43
C ASN B 102 -4.28 3.12 -11.95
N LEU B 103 -4.17 3.36 -10.64
N LEU B 103 -4.16 3.33 -10.64
CA LEU B 103 -4.34 4.70 -10.06
CA LEU B 103 -4.32 4.65 -10.02
C LEU B 103 -3.25 5.63 -10.59
C LEU B 103 -3.25 5.61 -10.56
N LEU B 104 -2.00 5.15 -10.62
CA LEU B 104 -0.92 5.95 -11.15
C LEU B 104 -1.21 6.36 -12.59
N LEU B 105 -1.67 5.39 -13.40
CA LEU B 105 -1.94 5.65 -14.81
C LEU B 105 -3.13 6.61 -14.99
N ALA B 106 -4.17 6.48 -14.16
CA ALA B 106 -5.32 7.36 -14.17
C ALA B 106 -4.91 8.79 -13.86
N PHE B 107 -4.03 8.94 -12.86
CA PHE B 107 -3.51 10.25 -12.51
C PHE B 107 -2.72 10.83 -13.68
N LEU B 108 -1.83 10.04 -14.27
CA LEU B 108 -1.01 10.49 -15.38
C LEU B 108 -1.89 10.88 -16.57
N ARG B 109 -2.98 10.12 -16.77
N ARG B 109 -2.99 10.16 -16.81
CA ARG B 109 -3.87 10.37 -17.90
CA ARG B 109 -3.79 10.47 -17.99
C ARG B 109 -4.55 11.74 -17.80
C ARG B 109 -4.72 11.66 -17.76
N ARG B 110 -4.63 12.31 -16.60
CA ARG B 110 -5.23 13.62 -16.42
C ARG B 110 -4.24 14.73 -16.80
N GLN B 111 -3.02 14.36 -17.19
CA GLN B 111 -2.02 15.34 -17.62
C GLN B 111 -1.83 15.29 -19.13
N PRO B 112 -1.69 16.45 -19.80
CA PRO B 112 -1.38 16.49 -21.23
C PRO B 112 -0.04 15.81 -21.52
N GLN B 113 0.00 15.07 -22.62
CA GLN B 113 1.24 14.44 -23.04
C GLN B 113 1.96 15.37 -24.01
N PRO B 114 3.29 15.24 -24.19
CA PRO B 114 4.11 14.28 -23.46
C PRO B 114 4.37 14.57 -21.98
N TRP B 115 4.38 13.49 -21.19
CA TRP B 115 4.73 13.47 -19.77
C TRP B 115 6.24 13.32 -19.62
N CYS B 116 6.81 14.07 -18.70
CA CYS B 116 8.19 13.82 -18.30
C CYS B 116 8.33 13.76 -16.78
N LEU B 117 8.71 12.58 -16.27
CA LEU B 117 9.02 12.41 -14.85
C LEU B 117 10.36 13.07 -14.58
N VAL B 118 10.44 13.84 -13.47
CA VAL B 118 11.66 14.51 -13.07
C VAL B 118 11.94 14.10 -11.63
N ALA B 119 13.09 13.44 -11.41
CA ALA B 119 13.41 12.89 -10.09
C ALA B 119 14.90 13.14 -9.82
N HIS B 120 15.21 13.46 -8.56
CA HIS B 120 16.56 13.77 -8.14
C HIS B 120 17.32 12.48 -7.88
N ASN B 121 18.37 12.21 -8.67
CA ASN B 121 19.00 10.89 -8.71
C ASN B 121 17.98 9.84 -9.17
N GLY B 122 17.05 10.25 -10.03
CA GLY B 122 16.06 9.35 -10.62
C GLY B 122 16.67 8.14 -11.32
N ASP B 123 17.79 8.32 -12.04
CA ASP B 123 18.38 7.23 -12.78
C ASP B 123 18.88 6.12 -11.86
N ARG B 124 19.35 6.49 -10.66
CA ARG B 124 19.86 5.54 -9.69
C ARG B 124 18.73 4.91 -8.84
N TYR B 125 17.73 5.71 -8.47
CA TYR B 125 16.75 5.30 -7.47
C TYR B 125 15.37 5.13 -8.10
N ASP B 126 14.69 6.25 -8.37
CA ASP B 126 13.25 6.24 -8.59
C ASP B 126 12.85 5.52 -9.87
N PHE B 127 13.53 5.82 -10.97
CA PHE B 127 13.10 5.28 -12.26
C PHE B 127 13.29 3.76 -12.30
N PRO B 128 14.48 3.19 -11.95
CA PRO B 128 14.64 1.74 -12.00
C PRO B 128 13.76 1.01 -10.99
N LEU B 129 13.48 1.61 -9.84
CA LEU B 129 12.63 0.95 -8.85
C LEU B 129 11.19 0.93 -9.35
N LEU B 130 10.72 2.03 -9.94
CA LEU B 130 9.37 2.09 -10.51
C LEU B 130 9.24 1.01 -11.59
N GLN B 131 10.24 0.90 -12.46
CA GLN B 131 10.22 -0.13 -13.49
C GLN B 131 10.18 -1.54 -12.90
N ALA B 132 10.94 -1.79 -11.81
CA ALA B 132 10.98 -3.10 -11.18
C ALA B 132 9.60 -3.46 -10.60
N GLU B 133 8.95 -2.49 -9.96
CA GLU B 133 7.66 -2.73 -9.35
C GLU B 133 6.64 -3.07 -10.43
N LEU B 134 6.65 -2.30 -11.54
CA LEU B 134 5.73 -2.57 -12.63
C LEU B 134 6.02 -3.93 -13.28
N ALA B 135 7.31 -4.27 -13.42
CA ALA B 135 7.69 -5.56 -13.99
C ALA B 135 7.13 -6.74 -13.18
N MET B 136 7.11 -6.58 -11.84
N MET B 136 7.10 -6.58 -11.85
CA MET B 136 6.65 -7.63 -10.96
CA MET B 136 6.65 -7.65 -10.96
C MET B 136 5.16 -7.92 -11.18
C MET B 136 5.16 -7.91 -11.16
N LEU B 137 4.42 -6.90 -11.66
CA LEU B 137 2.99 -7.04 -11.96
C LEU B 137 2.74 -7.47 -13.41
N GLY B 138 3.81 -7.60 -14.20
CA GLY B 138 3.68 -7.96 -15.61
C GLY B 138 3.33 -6.75 -16.47
N LEU B 139 3.52 -5.54 -15.92
CA LEU B 139 3.20 -4.30 -16.60
C LEU B 139 4.49 -3.64 -17.10
N THR B 140 5.31 -4.41 -17.81
CA THR B 140 6.60 -3.92 -18.26
C THR B 140 6.38 -2.84 -19.34
N SER B 141 5.10 -2.67 -19.70
CA SER B 141 4.62 -1.88 -20.84
C SER B 141 4.20 -0.48 -20.42
N ALA B 142 3.84 -0.34 -19.14
CA ALA B 142 2.77 0.56 -18.73
C ALA B 142 3.14 2.04 -18.97
N LEU B 143 4.43 2.38 -18.86
CA LEU B 143 4.87 3.77 -18.93
C LEU B 143 5.80 4.02 -20.12
N ASP B 144 5.70 3.20 -21.17
CA ASP B 144 6.58 3.36 -22.32
C ASP B 144 6.31 4.67 -23.06
N GLY B 145 5.12 5.26 -22.90
CA GLY B 145 4.79 6.54 -23.51
C GLY B 145 5.41 7.74 -22.77
N ALA B 146 5.79 7.52 -21.50
CA ALA B 146 6.34 8.60 -20.68
C ALA B 146 7.80 8.84 -21.02
N PHE B 147 8.29 10.00 -20.58
CA PHE B 147 9.70 10.34 -20.65
C PHE B 147 10.18 10.57 -19.23
N CYS B 148 11.50 10.71 -19.07
CA CYS B 148 12.07 10.96 -17.76
C CYS B 148 13.39 11.69 -17.85
N VAL B 149 13.69 12.45 -16.79
N VAL B 149 13.72 12.37 -16.73
CA VAL B 149 14.98 13.10 -16.65
CA VAL B 149 14.89 13.21 -16.61
C VAL B 149 15.39 13.03 -15.19
C VAL B 149 15.39 13.14 -15.17
N ASP B 150 16.70 12.94 -15.00
CA ASP B 150 17.32 13.02 -13.70
C ASP B 150 17.70 14.46 -13.45
N SER B 151 17.13 15.04 -12.39
CA SER B 151 17.31 16.45 -12.13
C SER B 151 18.73 16.75 -11.65
N ILE B 152 19.46 15.74 -11.14
CA ILE B 152 20.84 15.99 -10.76
C ILE B 152 21.67 16.22 -12.02
N THR B 153 21.41 15.43 -13.07
CA THR B 153 22.06 15.61 -14.35
C THR B 153 21.71 17.00 -14.92
N ALA B 154 20.43 17.38 -14.87
CA ALA B 154 19.96 18.65 -15.43
C ALA B 154 20.61 19.82 -14.69
N LEU B 155 20.56 19.78 -13.35
CA LEU B 155 20.98 20.94 -12.57
C LEU B 155 22.49 21.10 -12.65
N LYS B 156 23.23 19.98 -12.81
CA LYS B 156 24.67 20.04 -13.01
C LYS B 156 24.99 20.72 -14.34
N ALA B 157 24.22 20.38 -15.39
CA ALA B 157 24.42 20.96 -16.72
C ALA B 157 24.11 22.45 -16.68
N LEU B 158 22.99 22.82 -16.04
CA LEU B 158 22.55 24.20 -15.98
C LEU B 158 23.49 25.04 -15.10
N GLU B 159 24.18 24.39 -14.15
CA GLU B 159 25.28 25.00 -13.44
C GLU B 159 26.47 25.17 -14.39
N ARG B 160 26.89 24.07 -15.04
CA ARG B 160 27.99 24.10 -15.98
C ARG B 160 27.66 25.07 -17.12
N LYS B 171 31.69 19.12 -3.47
CA LYS B 171 30.64 19.97 -4.09
C LYS B 171 29.34 19.17 -4.20
N SER B 172 28.43 19.41 -3.25
CA SER B 172 27.26 18.56 -3.07
C SER B 172 26.14 18.97 -4.04
N TYR B 173 25.49 17.97 -4.63
CA TYR B 173 24.32 18.21 -5.45
C TYR B 173 23.11 17.55 -4.79
N SER B 174 23.18 17.39 -3.47
CA SER B 174 22.02 17.00 -2.69
C SER B 174 20.95 18.08 -2.84
N LEU B 175 19.70 17.66 -2.68
CA LEU B 175 18.57 18.56 -2.73
C LEU B 175 18.76 19.71 -1.75
N GLY B 176 19.14 19.36 -0.51
CA GLY B 176 19.43 20.34 0.53
C GLY B 176 20.54 21.31 0.14
N SER B 177 21.62 20.78 -0.46
CA SER B 177 22.77 21.59 -0.81
C SER B 177 22.40 22.63 -1.86
N ILE B 178 21.73 22.18 -2.92
CA ILE B 178 21.31 23.02 -4.03
C ILE B 178 20.36 24.09 -3.51
N TYR B 179 19.32 23.67 -2.77
CA TYR B 179 18.30 24.59 -2.29
C TYR B 179 18.95 25.69 -1.45
N THR B 180 19.89 25.31 -0.58
CA THR B 180 20.53 26.27 0.32
C THR B 180 21.41 27.25 -0.46
N ARG B 181 22.09 26.75 -1.50
CA ARG B 181 22.93 27.61 -2.33
C ARG B 181 22.06 28.66 -3.03
N LEU B 182 20.88 28.22 -3.51
CA LEU B 182 20.00 29.04 -4.32
C LEU B 182 19.24 30.04 -3.46
N TYR B 183 18.72 29.59 -2.31
CA TYR B 183 17.72 30.38 -1.58
C TYR B 183 18.17 30.76 -0.17
N GLY B 184 19.28 30.19 0.31
CA GLY B 184 19.87 30.59 1.59
C GLY B 184 19.40 29.70 2.74
N GLN B 185 18.08 29.54 2.88
CA GLN B 185 17.50 28.74 3.94
C GLN B 185 17.52 27.26 3.55
N SER B 186 17.37 26.38 4.56
CA SER B 186 17.24 24.95 4.34
C SER B 186 15.80 24.62 3.93
N PRO B 187 15.56 23.59 3.08
CA PRO B 187 14.20 23.19 2.73
C PRO B 187 13.42 22.74 3.97
N PRO B 188 12.07 22.81 3.95
CA PRO B 188 11.27 22.20 5.02
C PRO B 188 10.97 20.70 4.82
N ASP B 189 10.64 20.02 5.93
CA ASP B 189 10.05 18.68 5.91
C ASP B 189 10.82 17.78 4.95
N SER B 190 12.14 17.71 5.14
CA SER B 190 13.07 17.25 4.12
C SER B 190 13.19 15.72 4.11
N HIS B 191 12.36 15.03 4.90
CA HIS B 191 12.50 13.59 5.03
C HIS B 191 11.22 12.86 4.59
N THR B 192 10.45 13.46 3.67
CA THR B 192 9.27 12.79 3.09
C THR B 192 9.34 12.92 1.57
N ALA B 193 8.67 11.97 0.88
CA ALA B 193 8.64 12.03 -0.58
C ALA B 193 8.04 13.35 -1.07
N GLU B 194 6.94 13.79 -0.42
CA GLU B 194 6.30 15.03 -0.82
C GLU B 194 7.24 16.22 -0.54
N GLY B 195 7.96 16.18 0.58
CA GLY B 195 8.88 17.24 0.94
C GLY B 195 9.99 17.38 -0.10
N ASP B 196 10.44 16.23 -0.57
CA ASP B 196 11.52 16.18 -1.55
C ASP B 196 11.02 16.75 -2.89
N VAL B 197 9.81 16.37 -3.31
CA VAL B 197 9.23 16.87 -4.54
C VAL B 197 9.04 18.39 -4.48
N LEU B 198 8.59 18.90 -3.33
CA LEU B 198 8.34 20.32 -3.19
C LEU B 198 9.66 21.09 -3.23
N ALA B 199 10.71 20.56 -2.61
CA ALA B 199 12.03 21.18 -2.66
C ALA B 199 12.51 21.20 -4.11
N LEU B 200 12.33 20.07 -4.82
CA LEU B 200 12.81 19.96 -6.19
C LEU B 200 12.05 20.96 -7.08
N LEU B 201 10.73 21.08 -6.87
CA LEU B 201 9.95 22.05 -7.61
C LEU B 201 10.55 23.45 -7.42
N SER B 202 10.77 23.84 -6.17
CA SER B 202 11.34 25.15 -5.86
C SER B 202 12.65 25.37 -6.62
N ILE B 203 13.52 24.36 -6.65
CA ILE B 203 14.81 24.48 -7.31
C ILE B 203 14.59 24.68 -8.80
N CYS B 204 13.61 23.95 -9.35
CA CYS B 204 13.41 23.95 -10.79
C CYS B 204 12.82 25.28 -11.23
N GLN B 205 12.23 26.01 -10.28
CA GLN B 205 11.62 27.32 -10.53
C GLN B 205 12.66 28.45 -10.48
N TRP B 206 13.93 28.13 -10.22
CA TRP B 206 14.98 29.14 -10.18
C TRP B 206 15.15 29.78 -11.56
N ARG B 207 15.48 28.95 -12.56
CA ARG B 207 15.68 29.40 -13.93
C ARG B 207 14.81 28.51 -14.81
N PRO B 208 13.46 28.67 -14.78
CA PRO B 208 12.57 27.65 -15.34
C PRO B 208 12.61 27.46 -16.85
N GLN B 209 12.77 28.53 -17.62
CA GLN B 209 12.77 28.38 -19.07
C GLN B 209 14.04 27.61 -19.51
N ALA B 210 15.15 27.87 -18.82
CA ALA B 210 16.40 27.15 -19.07
C ALA B 210 16.24 25.67 -18.75
N LEU B 211 15.56 25.35 -17.63
CA LEU B 211 15.26 23.98 -17.26
C LEU B 211 14.44 23.30 -18.36
N LEU B 212 13.42 24.00 -18.88
CA LEU B 212 12.51 23.43 -19.86
C LEU B 212 13.28 23.09 -21.14
N ARG B 213 14.18 23.99 -21.56
CA ARG B 213 14.98 23.76 -22.76
C ARG B 213 15.78 22.48 -22.60
N TRP B 214 16.37 22.29 -21.41
CA TRP B 214 17.24 21.17 -21.16
C TRP B 214 16.44 19.87 -21.12
N VAL B 215 15.29 19.90 -20.44
CA VAL B 215 14.44 18.73 -20.34
C VAL B 215 14.00 18.33 -21.75
N ASP B 216 13.59 19.31 -22.56
CA ASP B 216 13.10 19.01 -23.89
C ASP B 216 14.21 18.33 -24.71
N ALA B 217 15.44 18.80 -24.58
CA ALA B 217 16.56 18.25 -25.34
C ALA B 217 16.98 16.85 -24.87
N HIS B 218 16.80 16.53 -23.58
CA HIS B 218 17.43 15.37 -22.99
C HIS B 218 16.44 14.32 -22.47
N ALA B 219 15.14 14.62 -22.50
CA ALA B 219 14.13 13.68 -22.06
C ALA B 219 14.40 12.32 -22.71
N ARG B 220 14.39 11.29 -21.86
CA ARG B 220 14.65 9.91 -22.26
C ARG B 220 13.34 9.11 -22.17
N PRO B 221 13.02 8.28 -23.18
CA PRO B 221 11.86 7.40 -23.10
C PRO B 221 11.97 6.50 -21.88
N PHE B 222 10.87 6.38 -21.15
CA PHE B 222 10.92 5.67 -19.89
C PHE B 222 11.17 4.18 -20.14
N GLY B 223 10.73 3.67 -21.30
CA GLY B 223 10.92 2.27 -21.63
C GLY B 223 12.39 1.88 -21.76
N THR B 224 13.28 2.88 -21.85
CA THR B 224 14.70 2.60 -21.93
C THR B 224 15.32 2.43 -20.54
N ILE B 225 14.56 2.67 -19.47
CA ILE B 225 15.05 2.45 -18.12
C ILE B 225 14.93 0.97 -17.80
N ARG B 226 16.07 0.32 -17.48
CA ARG B 226 16.05 -1.07 -17.08
C ARG B 226 15.51 -1.17 -15.66
N PRO B 227 14.70 -2.19 -15.34
CA PRO B 227 14.34 -2.44 -13.94
C PRO B 227 15.58 -2.61 -13.06
N MET B 228 15.43 -2.20 -11.80
CA MET B 228 16.50 -2.22 -10.82
C MET B 228 16.97 -3.66 -10.60
N TYR B 229 16.01 -4.58 -10.60
CA TYR B 229 16.27 -6.00 -10.46
C TYR B 229 15.19 -6.77 -11.19
N GLY B 230 15.50 -8.05 -11.49
CA GLY B 230 14.60 -8.92 -12.22
C GLY B 230 13.93 -9.89 -11.28
N HIS C 4 -21.06 3.53 12.19
CA HIS C 4 -21.50 2.25 11.57
C HIS C 4 -20.34 1.26 11.59
N GLY C 5 -20.15 0.54 12.73
CA GLY C 5 -18.82 0.04 13.12
C GLY C 5 -17.83 1.20 13.25
N HIS C 6 -16.59 0.95 13.77
CA HIS C 6 -15.60 2.01 13.94
C HIS C 6 -15.04 2.39 12.57
N MET C 7 -14.99 3.70 12.26
CA MET C 7 -14.39 4.17 11.04
C MET C 7 -12.89 3.88 11.06
N GLN C 8 -12.35 3.29 9.99
CA GLN C 8 -10.94 2.95 9.93
C GLN C 8 -10.12 4.07 9.30
N THR C 9 -10.73 4.80 8.35
CA THR C 9 -10.09 5.90 7.66
C THR C 9 -10.98 7.13 7.74
N LEU C 10 -10.38 8.26 8.12
CA LEU C 10 -11.01 9.56 7.95
C LEU C 10 -10.39 10.22 6.72
N ILE C 11 -11.21 10.61 5.76
CA ILE C 11 -10.73 11.28 4.56
C ILE C 11 -11.17 12.74 4.63
N PHE C 12 -10.22 13.59 5.01
CA PHE C 12 -10.48 15.02 5.05
C PHE C 12 -10.59 15.51 3.61
N PHE C 13 -11.63 16.29 3.35
CA PHE C 13 -12.09 16.54 2.00
C PHE C 13 -12.48 18.00 1.85
N ASP C 14 -12.03 18.63 0.77
CA ASP C 14 -12.50 19.96 0.42
C ASP C 14 -12.46 20.12 -1.10
N MET C 15 -13.47 20.82 -1.63
CA MET C 15 -13.49 21.17 -3.03
C MET C 15 -13.69 22.67 -3.22
N GLU C 16 -13.20 23.16 -4.36
N GLU C 16 -13.27 23.14 -4.38
CA GLU C 16 -13.51 24.48 -4.88
CA GLU C 16 -13.61 24.46 -4.84
C GLU C 16 -14.46 24.29 -6.07
C GLU C 16 -14.43 24.32 -6.11
N ALA C 17 -15.30 25.30 -6.35
CA ALA C 17 -16.26 25.22 -7.43
C ALA C 17 -16.37 26.57 -8.13
N THR C 18 -17.17 26.57 -9.20
CA THR C 18 -17.35 27.72 -10.07
C THR C 18 -18.21 28.80 -9.40
N GLY C 19 -18.89 28.40 -8.31
CA GLY C 19 -19.83 29.27 -7.62
C GLY C 19 -20.54 28.55 -6.47
N LEU C 20 -21.54 29.22 -5.90
CA LEU C 20 -22.29 28.68 -4.79
C LEU C 20 -23.44 27.81 -5.33
N PRO C 21 -24.02 26.95 -4.47
CA PRO C 21 -25.02 25.97 -4.93
C PRO C 21 -26.13 26.46 -5.84
N SER C 22 -26.67 27.66 -5.58
CA SER C 22 -27.79 28.15 -6.36
C SER C 22 -27.42 28.45 -7.82
N SER C 23 -26.11 28.42 -8.16
CA SER C 23 -25.63 28.68 -9.53
C SER C 23 -25.49 27.39 -10.36
N ARG C 24 -25.81 26.23 -9.77
CA ARG C 24 -25.56 24.95 -10.43
C ARG C 24 -24.07 24.80 -10.70
N PRO C 25 -23.22 24.87 -9.65
CA PRO C 25 -21.77 24.94 -9.86
C PRO C 25 -21.13 23.62 -10.24
N GLU C 26 -19.89 23.72 -10.74
CA GLU C 26 -19.07 22.56 -11.04
C GLU C 26 -17.75 22.65 -10.27
N VAL C 27 -17.18 21.49 -9.97
CA VAL C 27 -15.91 21.37 -9.29
C VAL C 27 -14.80 21.96 -10.16
N THR C 28 -13.91 22.71 -9.51
CA THR C 28 -12.69 23.21 -10.12
C THR C 28 -11.44 22.65 -9.45
N GLU C 29 -11.56 22.18 -8.19
CA GLU C 29 -10.42 21.62 -7.48
C GLU C 29 -10.95 20.70 -6.38
N LEU C 30 -10.22 19.62 -6.10
CA LEU C 30 -10.56 18.79 -4.95
C LEU C 30 -9.27 18.34 -4.27
N CYS C 31 -9.40 18.10 -2.98
CA CYS C 31 -8.32 17.54 -2.19
C CYS C 31 -8.91 16.52 -1.23
N LEU C 32 -8.33 15.32 -1.25
CA LEU C 32 -8.62 14.26 -0.30
C LEU C 32 -7.35 13.99 0.47
N LEU C 33 -7.49 13.88 1.79
N LEU C 33 -7.44 13.97 1.81
CA LEU C 33 -6.37 13.55 2.65
CA LEU C 33 -6.33 13.56 2.66
C LEU C 33 -6.80 12.45 3.61
C LEU C 33 -6.80 12.46 3.60
N ALA C 34 -6.33 11.23 3.36
CA ALA C 34 -6.77 10.05 4.09
C ALA C 34 -5.82 9.77 5.24
N VAL C 35 -6.41 9.67 6.45
CA VAL C 35 -5.69 9.44 7.70
C VAL C 35 -6.29 8.21 8.36
N HIS C 36 -5.42 7.28 8.77
CA HIS C 36 -5.88 6.10 9.49
C HIS C 36 -6.34 6.53 10.88
N ARG C 37 -7.35 5.83 11.43
CA ARG C 37 -7.87 6.19 12.73
C ARG C 37 -6.77 6.19 13.78
N CYS C 38 -5.72 5.37 13.61
CA CYS C 38 -4.70 5.25 14.65
C CYS C 38 -3.94 6.56 14.84
N ALA C 39 -3.92 7.43 13.81
CA ALA C 39 -3.24 8.71 13.92
C ALA C 39 -4.00 9.67 14.85
N LEU C 40 -5.31 9.41 15.03
CA LEU C 40 -6.15 10.23 15.89
C LEU C 40 -6.41 9.52 17.23
N GLU C 41 -6.44 8.19 17.22
CA GLU C 41 -6.80 7.43 18.40
C GLU C 41 -5.58 7.25 19.29
N SER C 42 -4.42 7.12 18.64
CA SER C 42 -3.18 6.80 19.31
C SER C 42 -2.11 7.80 18.85
N PRO C 43 -2.28 9.11 19.15
CA PRO C 43 -1.37 10.15 18.65
C PRO C 43 -0.02 10.11 19.37
N PRO C 44 1.11 9.96 18.64
CA PRO C 44 2.44 9.97 19.26
C PRO C 44 2.83 11.35 19.77
N THR C 52 2.93 24.14 19.06
CA THR C 52 1.59 24.78 19.14
C THR C 52 0.64 24.03 18.19
N VAL C 53 0.90 24.15 16.88
CA VAL C 53 0.10 23.46 15.89
C VAL C 53 0.71 22.08 15.70
N PRO C 54 -0.05 20.98 15.92
CA PRO C 54 0.48 19.64 15.72
C PRO C 54 0.85 19.44 14.25
N PRO C 55 1.95 18.74 13.95
CA PRO C 55 2.29 18.42 12.57
C PRO C 55 1.31 17.35 12.06
N PRO C 56 1.10 17.28 10.73
CA PRO C 56 0.33 16.17 10.18
C PRO C 56 1.00 14.84 10.52
N PRO C 57 0.24 13.73 10.54
CA PRO C 57 0.83 12.41 10.66
C PRO C 57 1.87 12.15 9.58
N ARG C 58 2.86 11.32 9.92
CA ARG C 58 3.87 10.98 8.92
C ARG C 58 3.24 10.20 7.76
N VAL C 59 2.34 9.26 8.12
CA VAL C 59 1.71 8.38 7.15
C VAL C 59 0.34 8.94 6.80
N VAL C 60 0.21 9.44 5.57
CA VAL C 60 -1.04 9.95 5.04
C VAL C 60 -1.04 9.64 3.55
N ASP C 61 -2.24 9.56 2.97
CA ASP C 61 -2.41 9.55 1.54
C ASP C 61 -3.10 10.85 1.13
N LYS C 62 -2.67 11.46 0.03
CA LYS C 62 -3.22 12.74 -0.37
C LYS C 62 -3.39 12.76 -1.88
N LEU C 63 -4.51 13.31 -2.33
CA LEU C 63 -4.81 13.53 -3.74
C LEU C 63 -5.37 14.94 -3.89
N SER C 64 -4.71 15.75 -4.70
CA SER C 64 -5.14 17.12 -4.95
C SER C 64 -5.12 17.33 -6.46
N LEU C 65 -6.29 17.64 -7.03
CA LEU C 65 -6.46 17.74 -8.48
C LEU C 65 -7.27 18.99 -8.83
N CYS C 66 -6.90 19.61 -9.97
CA CYS C 66 -7.70 20.65 -10.58
C CYS C 66 -8.53 20.04 -11.71
N VAL C 67 -9.70 20.64 -11.94
CA VAL C 67 -10.74 20.11 -12.82
C VAL C 67 -11.24 21.27 -13.67
N ALA C 68 -11.34 21.05 -14.99
CA ALA C 68 -11.91 22.03 -15.88
C ALA C 68 -13.42 21.93 -15.83
N PRO C 69 -14.14 22.96 -15.39
CA PRO C 69 -15.59 22.96 -15.47
C PRO C 69 -15.99 23.28 -16.90
N GLY C 70 -17.28 23.15 -17.18
CA GLY C 70 -17.76 23.37 -18.54
C GLY C 70 -18.21 24.81 -18.76
N LYS C 71 -17.96 25.68 -17.78
CA LYS C 71 -18.44 27.06 -17.85
C LYS C 71 -17.52 27.95 -17.02
N ALA C 72 -17.69 29.25 -17.16
CA ALA C 72 -16.87 30.21 -16.43
C ALA C 72 -17.17 30.13 -14.93
N CYS C 73 -16.14 30.40 -14.13
CA CYS C 73 -16.28 30.68 -12.72
C CYS C 73 -16.89 32.05 -12.57
N SER C 74 -17.71 32.26 -11.53
CA SER C 74 -18.19 33.59 -11.25
C SER C 74 -17.03 34.44 -10.79
N PRO C 75 -17.05 35.75 -11.05
CA PRO C 75 -16.03 36.64 -10.48
C PRO C 75 -15.74 36.44 -8.99
N ALA C 76 -16.80 36.22 -8.20
CA ALA C 76 -16.67 36.03 -6.77
C ALA C 76 -15.93 34.73 -6.46
N ALA C 77 -16.24 33.66 -7.20
CA ALA C 77 -15.58 32.39 -6.99
C ALA C 77 -14.09 32.54 -7.30
N SER C 78 -13.76 33.25 -8.38
CA SER C 78 -12.36 33.37 -8.80
C SER C 78 -11.59 34.16 -7.75
N GLU C 79 -12.21 35.17 -7.14
CA GLU C 79 -11.54 35.99 -6.13
C GLU C 79 -11.22 35.17 -4.87
N ILE C 80 -12.13 34.28 -4.46
CA ILE C 80 -11.88 33.54 -3.23
C ILE C 80 -11.04 32.30 -3.49
N THR C 81 -11.19 31.66 -4.67
CA THR C 81 -10.53 30.37 -4.90
C THR C 81 -9.18 30.54 -5.60
N GLY C 82 -9.00 31.64 -6.33
CA GLY C 82 -7.75 31.86 -7.07
C GLY C 82 -7.70 31.08 -8.39
N LEU C 83 -8.85 30.54 -8.81
CA LEU C 83 -8.96 29.76 -10.03
C LEU C 83 -9.91 30.46 -11.00
N SER C 84 -9.66 30.21 -12.29
CA SER C 84 -10.57 30.61 -13.33
C SER C 84 -10.57 29.53 -14.40
N THR C 85 -11.65 29.44 -15.16
CA THR C 85 -11.83 28.42 -16.17
C THR C 85 -10.75 28.58 -17.25
N ALA C 86 -10.46 29.81 -17.66
CA ALA C 86 -9.45 30.06 -18.68
C ALA C 86 -8.08 29.56 -18.22
N VAL C 87 -7.75 29.79 -16.94
CA VAL C 87 -6.43 29.40 -16.44
C VAL C 87 -6.37 27.88 -16.27
N LEU C 88 -7.47 27.27 -15.81
CA LEU C 88 -7.52 25.82 -15.73
C LEU C 88 -7.32 25.20 -17.13
N ALA C 89 -7.95 25.81 -18.13
CA ALA C 89 -7.83 25.34 -19.50
C ALA C 89 -6.38 25.48 -19.98
N ALA C 90 -5.74 26.61 -19.67
CA ALA C 90 -4.37 26.83 -20.12
C ALA C 90 -3.44 25.75 -19.52
N HIS C 91 -3.82 25.19 -18.38
CA HIS C 91 -3.01 24.17 -17.75
C HIS C 91 -3.45 22.77 -18.17
N GLY C 92 -4.27 22.72 -19.24
CA GLY C 92 -4.62 21.45 -19.84
C GLY C 92 -5.52 20.59 -18.95
N ARG C 93 -6.31 21.20 -18.05
CA ARG C 93 -7.13 20.41 -17.14
C ARG C 93 -8.28 19.74 -17.89
N GLN C 94 -8.57 18.48 -17.50
CA GLN C 94 -9.69 17.70 -17.99
C GLN C 94 -10.91 17.87 -17.09
N CYS C 95 -12.09 17.58 -17.65
N CYS C 95 -12.08 17.57 -17.64
CA CYS C 95 -13.35 17.75 -16.95
CA CYS C 95 -13.34 17.73 -16.94
C CYS C 95 -13.57 16.59 -15.96
C CYS C 95 -13.55 16.60 -15.94
N PHE C 96 -14.66 16.68 -15.20
CA PHE C 96 -15.06 15.62 -14.30
C PHE C 96 -15.67 14.52 -15.17
N ASP C 97 -14.93 13.43 -15.33
CA ASP C 97 -15.32 12.36 -16.24
C ASP C 97 -15.16 11.00 -15.58
N ASP C 98 -15.49 9.94 -16.34
CA ASP C 98 -15.35 8.55 -15.91
C ASP C 98 -13.96 8.28 -15.33
N ASN C 99 -12.90 8.73 -16.01
CA ASN C 99 -11.53 8.46 -15.56
C ASN C 99 -11.34 9.07 -14.18
N LEU C 100 -11.82 10.31 -13.96
CA LEU C 100 -11.68 10.93 -12.65
C LEU C 100 -12.44 10.14 -11.60
N ALA C 101 -13.67 9.71 -11.90
CA ALA C 101 -14.45 8.96 -10.93
C ALA C 101 -13.71 7.69 -10.55
N ASN C 102 -13.15 7.01 -11.56
CA ASN C 102 -12.38 5.79 -11.34
C ASN C 102 -11.16 6.06 -10.46
N LEU C 103 -10.47 7.16 -10.75
CA LEU C 103 -9.30 7.57 -9.99
C LEU C 103 -9.64 7.75 -8.51
N LEU C 104 -10.75 8.47 -8.25
CA LEU C 104 -11.20 8.74 -6.90
C LEU C 104 -11.49 7.43 -6.19
N LEU C 105 -12.18 6.51 -6.87
CA LEU C 105 -12.50 5.22 -6.26
C LEU C 105 -11.23 4.41 -5.99
N ALA C 106 -10.28 4.45 -6.93
CA ALA C 106 -9.03 3.70 -6.75
C ALA C 106 -8.27 4.24 -5.55
N PHE C 107 -8.30 5.55 -5.35
CA PHE C 107 -7.67 6.18 -4.19
C PHE C 107 -8.34 5.71 -2.91
N LEU C 108 -9.68 5.71 -2.90
CA LEU C 108 -10.42 5.30 -1.72
C LEU C 108 -10.19 3.81 -1.44
N ARG C 109 -10.04 3.01 -2.50
CA ARG C 109 -9.87 1.57 -2.32
C ARG C 109 -8.53 1.24 -1.66
N ARG C 110 -7.57 2.19 -1.65
CA ARG C 110 -6.31 1.98 -0.96
C ARG C 110 -6.44 2.24 0.53
N GLN C 111 -7.62 2.61 0.99
CA GLN C 111 -7.85 2.92 2.37
C GLN C 111 -8.71 1.84 3.01
N PRO C 112 -8.41 1.41 4.25
CA PRO C 112 -9.28 0.47 4.94
C PRO C 112 -10.68 1.04 5.22
N GLN C 113 -11.67 0.16 5.06
CA GLN C 113 -13.07 0.49 5.31
C GLN C 113 -13.43 0.12 6.74
N PRO C 114 -14.45 0.74 7.34
CA PRO C 114 -15.21 1.83 6.72
C PRO C 114 -14.45 3.15 6.53
N TRP C 115 -14.83 3.87 5.45
CA TRP C 115 -14.32 5.20 5.08
C TRP C 115 -15.26 6.25 5.61
N CYS C 116 -14.75 7.36 6.15
CA CYS C 116 -15.61 8.50 6.43
C CYS C 116 -15.00 9.80 5.87
N LEU C 117 -15.72 10.40 4.92
CA LEU C 117 -15.36 11.70 4.38
C LEU C 117 -15.68 12.73 5.46
N VAL C 118 -14.78 13.70 5.65
CA VAL C 118 -14.94 14.78 6.61
C VAL C 118 -14.72 16.10 5.89
N ALA C 119 -15.75 16.96 5.85
CA ALA C 119 -15.67 18.19 5.09
C ALA C 119 -16.35 19.32 5.86
N HIS C 120 -15.74 20.51 5.82
CA HIS C 120 -16.23 21.66 6.56
C HIS C 120 -17.35 22.34 5.78
N ASN C 121 -18.55 22.34 6.38
CA ASN C 121 -19.78 22.70 5.67
C ASN C 121 -20.01 21.75 4.50
N GLY C 122 -19.60 20.49 4.70
CA GLY C 122 -19.75 19.45 3.71
C GLY C 122 -21.19 19.19 3.28
N ASP C 123 -22.15 19.38 4.20
CA ASP C 123 -23.54 19.08 3.90
C ASP C 123 -24.13 20.11 2.91
N ARG C 124 -23.59 21.32 2.96
CA ARG C 124 -24.04 22.39 2.11
C ARG C 124 -23.29 22.35 0.77
N TYR C 125 -22.00 22.07 0.82
CA TYR C 125 -21.13 22.32 -0.32
C TYR C 125 -20.59 21.01 -0.91
N ASP C 126 -19.62 20.42 -0.22
CA ASP C 126 -18.79 19.37 -0.83
C ASP C 126 -19.58 18.09 -1.13
N PHE C 127 -20.37 17.59 -0.19
CA PHE C 127 -21.03 16.31 -0.37
C PHE C 127 -22.09 16.37 -1.49
N PRO C 128 -23.04 17.33 -1.48
CA PRO C 128 -24.03 17.39 -2.56
C PRO C 128 -23.41 17.65 -3.93
N LEU C 129 -22.32 18.43 -3.98
CA LEU C 129 -21.68 18.69 -5.26
C LEU C 129 -21.04 17.41 -5.80
N LEU C 130 -20.32 16.66 -4.94
CA LEU C 130 -19.71 15.42 -5.37
C LEU C 130 -20.79 14.46 -5.89
N GLN C 131 -21.91 14.35 -5.16
CA GLN C 131 -23.01 13.50 -5.57
C GLN C 131 -23.59 13.94 -6.93
N ALA C 132 -23.67 15.25 -7.16
CA ALA C 132 -24.20 15.79 -8.41
C ALA C 132 -23.30 15.49 -9.60
N GLU C 133 -21.99 15.69 -9.44
CA GLU C 133 -21.04 15.34 -10.47
C GLU C 133 -21.19 13.88 -10.84
N LEU C 134 -21.28 12.99 -9.84
CA LEU C 134 -21.39 11.56 -10.09
C LEU C 134 -22.71 11.26 -10.80
N ALA C 135 -23.79 11.91 -10.36
CA ALA C 135 -25.11 11.71 -10.95
C ALA C 135 -25.08 12.10 -12.44
N MET C 136 -24.43 13.22 -12.74
CA MET C 136 -24.37 13.71 -14.12
C MET C 136 -23.71 12.65 -15.01
N LEU C 137 -22.78 11.89 -14.45
CA LEU C 137 -22.05 10.90 -15.25
C LEU C 137 -22.85 9.60 -15.34
N GLY C 138 -23.97 9.54 -14.61
CA GLY C 138 -24.74 8.32 -14.50
C GLY C 138 -24.08 7.30 -13.57
N LEU C 139 -23.26 7.79 -12.63
CA LEU C 139 -22.62 6.94 -11.63
C LEU C 139 -23.22 7.18 -10.25
N THR C 140 -24.56 7.10 -10.16
CA THR C 140 -25.32 7.57 -9.01
C THR C 140 -24.87 6.93 -7.69
N SER C 141 -24.39 5.68 -7.70
CA SER C 141 -24.13 5.00 -6.43
C SER C 141 -22.64 4.67 -6.24
N ALA C 142 -21.76 5.39 -6.93
CA ALA C 142 -20.35 5.00 -6.98
C ALA C 142 -19.73 5.00 -5.58
N LEU C 143 -20.20 5.91 -4.69
CA LEU C 143 -19.60 6.07 -3.37
C LEU C 143 -20.52 5.65 -2.23
N ASP C 144 -21.64 5.00 -2.54
CA ASP C 144 -22.60 4.52 -1.54
C ASP C 144 -21.91 3.79 -0.39
N GLY C 145 -20.75 3.16 -0.63
CA GLY C 145 -20.03 2.45 0.43
C GLY C 145 -19.48 3.39 1.52
N ALA C 146 -19.23 4.66 1.17
CA ALA C 146 -18.63 5.62 2.08
C ALA C 146 -19.62 6.13 3.10
N PHE C 147 -19.08 6.62 4.23
CA PHE C 147 -19.80 7.47 5.14
C PHE C 147 -19.26 8.89 5.05
N CYS C 148 -19.94 9.82 5.76
CA CYS C 148 -19.54 11.22 5.74
C CYS C 148 -19.98 11.91 7.02
N VAL C 149 -19.22 12.95 7.39
N VAL C 149 -19.25 13.00 7.34
CA VAL C 149 -19.59 13.85 8.47
CA VAL C 149 -19.49 13.84 8.51
C VAL C 149 -19.25 15.27 8.04
C VAL C 149 -19.15 15.29 8.16
N ASP C 150 -20.05 16.21 8.54
CA ASP C 150 -19.78 17.64 8.39
C ASP C 150 -19.01 18.13 9.63
N SER C 151 -17.79 18.61 9.42
CA SER C 151 -16.94 19.01 10.53
C SER C 151 -17.49 20.24 11.26
N ILE C 152 -18.33 21.05 10.59
CA ILE C 152 -18.84 22.23 11.28
C ILE C 152 -19.84 21.77 12.36
N THR C 153 -20.62 20.72 12.05
CA THR C 153 -21.53 20.11 13.01
C THR C 153 -20.74 19.50 14.17
N ALA C 154 -19.69 18.74 13.85
CA ALA C 154 -18.84 18.10 14.85
C ALA C 154 -18.18 19.13 15.77
N LEU C 155 -17.57 20.17 15.17
CA LEU C 155 -16.73 21.09 15.93
C LEU C 155 -17.59 22.01 16.80
N LYS C 156 -18.82 22.31 16.35
CA LYS C 156 -19.80 23.02 17.16
C LYS C 156 -20.14 22.21 18.41
N ALA C 157 -20.37 20.91 18.25
CA ALA C 157 -20.73 20.05 19.36
C ALA C 157 -19.57 19.94 20.37
N LEU C 158 -18.34 19.95 19.87
CA LEU C 158 -17.15 19.73 20.69
C LEU C 158 -16.70 21.04 21.35
N GLU C 159 -17.18 22.17 20.84
CA GLU C 159 -16.94 23.47 21.46
C GLU C 159 -18.26 24.00 22.04
N LYS C 171 -20.19 33.66 17.58
CA LYS C 171 -18.95 32.88 17.31
C LYS C 171 -18.96 32.42 15.85
N SER C 172 -17.90 32.78 15.10
CA SER C 172 -17.65 32.26 13.76
C SER C 172 -17.12 30.82 13.83
N TYR C 173 -17.63 29.97 12.94
CA TYR C 173 -17.15 28.59 12.82
C TYR C 173 -16.51 28.39 11.46
N SER C 174 -15.98 29.46 10.87
CA SER C 174 -15.10 29.34 9.71
C SER C 174 -13.84 28.59 10.11
N LEU C 175 -13.17 27.98 9.12
CA LEU C 175 -11.94 27.26 9.34
C LEU C 175 -10.92 28.18 10.03
N GLY C 176 -10.77 29.40 9.50
CA GLY C 176 -9.82 30.38 10.02
C GLY C 176 -10.15 30.75 11.47
N SER C 177 -11.44 30.97 11.76
CA SER C 177 -11.85 31.45 13.08
C SER C 177 -11.58 30.38 14.13
N ILE C 178 -11.97 29.13 13.82
CA ILE C 178 -11.73 28.00 14.71
C ILE C 178 -10.22 27.87 14.91
N TYR C 179 -9.47 27.84 13.81
CA TYR C 179 -8.03 27.61 13.86
C TYR C 179 -7.37 28.65 14.75
N THR C 180 -7.67 29.93 14.49
CA THR C 180 -7.04 31.04 15.17
C THR C 180 -7.41 31.01 16.65
N ARG C 181 -8.66 30.61 16.93
CA ARG C 181 -9.16 30.46 18.29
C ARG C 181 -8.41 29.32 19.00
N LEU C 182 -8.00 28.29 18.24
CA LEU C 182 -7.34 27.14 18.82
C LEU C 182 -5.83 27.39 18.95
N TYR C 183 -5.24 28.10 17.98
CA TYR C 183 -3.81 28.05 17.78
C TYR C 183 -3.15 29.43 17.80
N GLY C 184 -3.96 30.51 17.71
CA GLY C 184 -3.43 31.87 17.73
C GLY C 184 -2.60 32.19 16.50
N GLN C 185 -3.21 32.09 15.31
CA GLN C 185 -2.59 32.44 14.05
C GLN C 185 -3.53 32.05 12.91
N SER C 186 -3.47 32.78 11.79
CA SER C 186 -4.22 32.42 10.60
C SER C 186 -3.62 31.14 9.99
N PRO C 187 -4.45 30.20 9.49
CA PRO C 187 -3.92 29.01 8.82
C PRO C 187 -2.98 29.44 7.68
N PRO C 188 -1.91 28.66 7.39
CA PRO C 188 -0.95 29.05 6.37
C PRO C 188 -1.61 29.56 5.10
N ASP C 189 -2.49 28.71 4.54
CA ASP C 189 -3.02 28.88 3.20
C ASP C 189 -4.54 28.69 3.25
N SER C 190 -5.27 29.72 2.84
CA SER C 190 -6.73 29.72 2.93
C SER C 190 -7.35 29.57 1.54
N HIS C 191 -6.53 29.74 0.49
CA HIS C 191 -7.06 30.03 -0.83
C HIS C 191 -7.28 28.73 -1.64
N THR C 192 -6.88 27.56 -1.09
CA THR C 192 -6.80 26.34 -1.89
C THR C 192 -7.52 25.21 -1.16
N ALA C 193 -7.96 24.21 -1.94
CA ALA C 193 -8.62 23.04 -1.36
C ALA C 193 -7.68 22.30 -0.43
N GLU C 194 -6.40 22.16 -0.83
CA GLU C 194 -5.44 21.46 0.00
C GLU C 194 -5.20 22.24 1.29
N GLY C 195 -5.09 23.56 1.16
CA GLY C 195 -4.86 24.41 2.31
C GLY C 195 -5.99 24.27 3.32
N ASP C 196 -7.22 24.21 2.82
CA ASP C 196 -8.36 24.04 3.69
C ASP C 196 -8.32 22.67 4.35
N VAL C 197 -8.00 21.62 3.58
CA VAL C 197 -7.91 20.28 4.16
C VAL C 197 -6.86 20.22 5.26
N LEU C 198 -5.70 20.86 5.05
CA LEU C 198 -4.63 20.79 6.04
C LEU C 198 -5.03 21.54 7.31
N ALA C 199 -5.74 22.67 7.16
CA ALA C 199 -6.19 23.42 8.31
C ALA C 199 -7.23 22.62 9.08
N LEU C 200 -8.14 21.97 8.35
CA LEU C 200 -9.16 21.13 8.97
C LEU C 200 -8.52 19.96 9.73
N LEU C 201 -7.51 19.33 9.14
CA LEU C 201 -6.78 18.25 9.82
C LEU C 201 -6.17 18.78 11.12
N SER C 202 -5.51 19.93 11.06
CA SER C 202 -4.90 20.55 12.24
C SER C 202 -5.93 20.78 13.35
N ILE C 203 -7.12 21.26 12.98
CA ILE C 203 -8.18 21.47 13.96
C ILE C 203 -8.59 20.13 14.58
N CYS C 204 -8.75 19.10 13.74
CA CYS C 204 -9.24 17.80 14.18
C CYS C 204 -8.21 17.08 15.06
N GLN C 205 -6.94 17.50 15.01
CA GLN C 205 -5.89 16.91 15.83
C GLN C 205 -5.78 17.62 17.19
N TRP C 206 -6.63 18.62 17.44
CA TRP C 206 -6.53 19.37 18.69
C TRP C 206 -6.98 18.51 19.87
N ARG C 207 -8.16 17.90 19.72
CA ARG C 207 -8.64 16.89 20.65
C ARG C 207 -9.10 15.69 19.81
N PRO C 208 -8.16 14.85 19.35
CA PRO C 208 -8.47 13.85 18.33
C PRO C 208 -9.31 12.66 18.77
N GLN C 209 -9.23 12.24 20.04
CA GLN C 209 -10.00 11.09 20.51
C GLN C 209 -11.48 11.44 20.60
N ALA C 210 -11.81 12.64 21.11
CA ALA C 210 -13.20 13.06 21.22
C ALA C 210 -13.81 13.19 19.82
N LEU C 211 -12.98 13.70 18.90
CA LEU C 211 -13.36 13.93 17.51
C LEU C 211 -13.72 12.59 16.88
N LEU C 212 -12.82 11.61 17.06
CA LEU C 212 -13.04 10.32 16.46
C LEU C 212 -14.27 9.63 17.06
N ARG C 213 -14.46 9.71 18.40
CA ARG C 213 -15.66 9.19 19.03
C ARG C 213 -16.90 9.83 18.41
N TRP C 214 -16.87 11.15 18.22
CA TRP C 214 -18.01 11.83 17.65
C TRP C 214 -18.28 11.30 16.23
N VAL C 215 -17.24 11.20 15.42
CA VAL C 215 -17.40 10.73 14.06
C VAL C 215 -18.00 9.33 14.07
N ASP C 216 -17.46 8.45 14.92
CA ASP C 216 -17.96 7.08 14.99
C ASP C 216 -19.45 7.05 15.32
N ALA C 217 -19.88 7.94 16.21
CA ALA C 217 -21.26 7.96 16.68
C ALA C 217 -22.22 8.62 15.68
N HIS C 218 -21.71 9.44 14.74
CA HIS C 218 -22.60 10.25 13.92
C HIS C 218 -22.43 10.04 12.42
N ALA C 219 -21.52 9.15 12.01
CA ALA C 219 -21.21 8.99 10.59
C ALA C 219 -22.47 8.60 9.84
N ARG C 220 -22.74 9.28 8.73
CA ARG C 220 -23.94 9.06 7.94
C ARG C 220 -23.56 8.41 6.61
N PRO C 221 -24.35 7.47 6.07
CA PRO C 221 -24.07 6.89 4.75
C PRO C 221 -24.05 7.97 3.66
N PHE C 222 -23.06 7.90 2.77
CA PHE C 222 -22.92 8.93 1.75
C PHE C 222 -24.12 8.89 0.79
N GLY C 223 -24.75 7.73 0.66
CA GLY C 223 -25.92 7.56 -0.19
C GLY C 223 -27.14 8.33 0.30
N THR C 224 -27.13 8.83 1.55
CA THR C 224 -28.24 9.63 2.04
C THR C 224 -28.09 11.09 1.63
N ILE C 225 -26.95 11.46 1.04
CA ILE C 225 -26.73 12.82 0.52
C ILE C 225 -27.41 12.93 -0.84
N ARG C 226 -28.37 13.85 -0.94
CA ARG C 226 -29.01 14.15 -2.21
C ARG C 226 -28.04 14.97 -3.07
N PRO C 227 -28.01 14.73 -4.40
CA PRO C 227 -27.22 15.56 -5.30
C PRO C 227 -27.69 17.01 -5.25
N MET C 228 -26.74 17.92 -5.41
CA MET C 228 -27.00 19.34 -5.39
C MET C 228 -28.00 19.72 -6.47
N TYR C 229 -27.91 19.01 -7.61
CA TYR C 229 -28.83 19.13 -8.74
C TYR C 229 -28.73 17.85 -9.58
N GLY C 230 -29.67 17.65 -10.53
CA GLY C 230 -29.62 16.56 -11.48
C GLY C 230 -29.67 17.07 -12.93
N VAL C 231 -30.19 16.23 -13.83
CA VAL C 231 -30.47 16.61 -15.20
C VAL C 231 -31.74 17.48 -15.23
C4 A1B7U D . 8.13 -39.00 8.56
C5 A1B7U D . 6.81 -38.90 8.13
C6 A1B7U D . 6.21 -37.67 8.22
C8 A1B7U D . 8.07 -36.63 9.09
C15 A1B7U D . 5.65 -42.32 9.79
C17 A1B7U D . 7.56 -43.78 10.05
C20 A1B7U D . 4.89 -43.42 9.42
C26 A1B7U D . 3.41 -40.28 5.76
C28 A1B7U D . 2.53 -38.56 4.32
C1 A1B7U D . 10.95 -39.10 9.28
N2 A1B7U D . 10.12 -37.93 9.45
C3 A1B7U D . 8.80 -37.87 9.05
N7 A1B7U D . 6.79 -36.57 8.68
C9 A1B7U D . 8.59 -35.34 9.68
O10 A1B7U D . 9.82 -35.20 9.82
O11 A1B7U D . 7.71 -34.47 9.96
C12 A1B7U D . 6.04 -40.12 7.69
N13 A1B7U D . 4.87 -40.33 8.53
C14 A1B7U D . 5.10 -40.92 9.83
C16 A1B7U D . 7.00 -42.53 10.10
C18 A1B7U D . 6.79 -44.87 9.69
C19 A1B7U D . 5.46 -44.69 9.38
CL21 A1B7U D . 3.22 -43.17 9.02
CL22 A1B7U D . 4.51 -46.06 8.94
C23 A1B7U D . 3.60 -39.92 8.24
O24 A1B7U D . 2.75 -39.90 9.09
C25 A1B7U D . 3.28 -39.43 6.87
C27 A1B7U D . 3.01 -39.81 4.53
C29 A1B7U D . 2.43 -37.76 5.41
C30 A1B7U D . 2.80 -38.15 6.69
F31 A1B7U D . 1.91 -36.52 5.25
F32 A1B7U D . 3.10 -40.65 3.46
MG MG E . 6.01 -34.79 9.18
C1 EDO F . 6.76 -11.71 17.75
O1 EDO F . 7.51 -11.54 16.69
C2 EDO F . 5.43 -12.20 17.36
O2 EDO F . 4.40 -11.43 17.66
C1 EDO G . 2.04 -21.89 20.89
O1 EDO G . 1.93 -23.28 21.06
C2 EDO G . 2.25 -21.49 19.48
O2 EDO G . 1.09 -21.71 18.70
UNK UNX H . 3.23 -48.36 6.23
UNK UNX I . 3.58 -52.67 10.17
UNK UNX J . -9.89 -50.01 11.73
UNK UNX K . 9.20 -42.89 1.13
UNK UNX L . -10.21 -26.44 -7.53
UNK UNX M . 20.12 -14.79 10.71
UNK UNX N . 19.72 -17.75 -0.21
UNK UNX O . 12.62 -26.48 -1.58
UNK UNX P . -15.61 -22.26 5.30
C4 A1B7U Q . 18.48 9.05 -1.75
C5 A1B7U Q . 17.50 8.09 -1.99
C6 A1B7U Q . 16.35 8.50 -2.63
C8 A1B7U Q . 17.05 10.67 -2.83
C15 A1B7U Q . 17.76 6.35 1.55
C17 A1B7U Q . 19.90 6.70 2.61
C20 A1B7U Q . 17.75 5.05 2.05
C26 A1B7U Q . 16.10 3.99 -2.57
C28 A1B7U Q . 14.90 3.63 -4.66
C1 A1B7U Q . 20.56 11.12 -2.79
N2 A1B7U Q . 19.29 11.28 -2.11
C3 A1B7U Q . 18.28 10.37 -2.17
N7 A1B7U Q . 16.12 9.74 -3.04
C9 A1B7U Q . 16.67 12.06 -3.29
O10 A1B7U Q . 17.56 12.94 -3.31
O11 A1B7U Q . 15.47 12.24 -3.63
C12 A1B7U Q . 17.62 6.68 -1.47
N13 A1B7U Q . 16.50 6.37 -0.60
C14 A1B7U Q . 16.61 6.93 0.74
C16 A1B7U Q . 18.85 7.17 1.85
C18 A1B7U Q . 19.89 5.41 3.11
C19 A1B7U Q . 18.82 4.59 2.81
CL21 A1B7U Q . 16.40 4.02 1.75
CL22 A1B7U Q . 18.82 2.98 3.43
C23 A1B7U Q . 15.35 5.74 -0.93
O24 A1B7U Q . 14.37 5.80 -0.24
C25 A1B7U Q . 15.25 5.04 -2.25
C27 A1B7U Q . 15.90 3.32 -3.77
C29 A1B7U Q . 14.08 4.68 -4.28
C30 A1B7U Q . 14.22 5.38 -3.11
F31 A1B7U Q . 13.10 5.10 -5.18
F32 A1B7U Q . 16.73 2.25 -4.06
MG MG R . 14.47 10.66 -3.78
C1 EDO S . 1.34 22.96 -2.62
O1 EDO S . 1.81 22.18 -1.54
C2 EDO S . 1.60 22.36 -3.95
O2 EDO S . 1.11 21.04 -4.04
UNK UNX T . 23.45 2.76 -5.29
UNK UNX U . 19.93 -0.90 2.98
UNK UNX V . -8.35 3.54 -11.93
UNK UNX W . 15.16 31.35 -17.13
UNK UNX X . 19.72 22.87 -23.51
UNK UNX Y . 21.67 10.06 2.48
C4 A1B7U Z . -17.34 27.93 1.32
C5 A1B7U Z . -17.35 27.13 0.19
C6 A1B7U Z . -16.66 25.93 0.25
C8 A1B7U Z . -15.98 26.26 2.42
C15 A1B7U Z . -17.02 30.14 -2.36
C17 A1B7U Z . -17.80 32.23 -1.43
C20 A1B7U Z . -17.59 30.52 -3.59
C26 A1B7U Z . -19.16 25.80 -3.58
C28 A1B7U Z . -19.54 23.40 -3.59
C1 A1B7U Z . -17.68 29.38 3.81
N2 A1B7U Z . -16.80 28.23 3.65
C3 A1B7U Z . -16.68 27.52 2.47
N7 A1B7U Z . -16.00 25.49 1.32
C9 A1B7U Z . -15.10 25.68 3.51
O10 A1B7U Z . -15.26 26.10 4.66
O11 A1B7U Z . -14.33 24.71 3.19
C12 A1B7U Z . -18.06 27.55 -1.08
N13 A1B7U Z . -17.13 27.67 -2.21
C14 A1B7U Z . -16.27 28.85 -2.19
C16 A1B7U Z . -17.15 31.01 -1.29
C18 A1B7U Z . -18.36 32.59 -2.63
C19 A1B7U Z . -18.24 31.74 -3.71
CL21 A1B7U Z . -17.35 29.50 -4.96
CL22 A1B7U Z . -18.89 32.25 -5.24
C23 A1B7U Z . -16.87 26.70 -3.09
O24 A1B7U Z . -15.85 26.68 -3.74
C25 A1B7U Z . -17.83 25.57 -3.23
C27 A1B7U Z . -19.97 24.70 -3.75
C29 A1B7U Z . -18.24 23.24 -3.25
C30 A1B7U Z . -17.35 24.27 -3.06
F31 A1B7U Z . -17.77 21.97 -3.09
F32 A1B7U Z . -21.25 24.92 -4.15
MG MG AA . -14.69 23.97 1.54
C1 EDO BA . 1.62 17.10 4.49
O1 EDO BA . 1.29 18.31 3.82
C2 EDO BA . 0.46 16.23 4.73
O2 EDO BA . -0.14 15.76 3.54
UNK UNX CA . -21.91 32.33 -7.63
UNK UNX DA . -0.61 28.60 -11.96
UNK UNX EA . -14.59 30.63 1.91
UNK UNX FA . -22.08 23.64 -18.87
UNK UNX GA . -22.68 15.17 10.62
UNK UNX HA . -20.15 11.42 21.02
UNK UNX IA . 1.95 8.44 11.37
#